data_3SZE
#
_entry.id   3SZE
#
_cell.length_a   88.340
_cell.length_b   88.340
_cell.length_c   311.533
_cell.angle_alpha   90.00
_cell.angle_beta   90.00
_cell.angle_gamma   90.00
#
_symmetry.space_group_name_H-M   'P 43 21 2'
#
loop_
_entity.id
_entity.type
_entity.pdbx_description
1 polymer 'Serine protease espP'
2 water water
#
_entity_poly.entity_id   1
_entity_poly.type   'polypeptide(L)'
_entity_poly.pdbx_seq_one_letter_code
;SQMDISNFYIRDYMDFAQNKGIFQAGATNIEIVKKDGSTLKLPEVPFPDFSPVANKGSTTSIGGAYSITATHNTKNHHSV
ATQNWGNSTYKQTDWNTSHPDFAVSRLDKFVVETRGATEGADISLSKQQALERYGVNYKGEKKLIAFRAGSGVVSVKKNG
RITPFNEVSYKPEMLNGSFVHIDDWSGWLILTNNQFDEFNNIASQGDAGSALFVYDNQKKKWVVAGTVWGIYNYANGKNH
AAYSKWNQTTIDNLKNKYSYNVDMSGAQVATIENGKLTGTGSDTTDIKNKDLIFTGGGDILLKSSFDNGAGGLVFNDKKT
YRVNGDDFTFKGAGVDTRNGSTVEWNIRYDNKDNLHKIGDGTLDVRKTQNTNLKTGEGLVILGAEKTFNNIYITSGDGTV
RLNAENALSGGEYNGIFFAKNGGTLDLNGYNQSFNKIAATDSGAVITNTSTKKSILSLNNTADYIYHGNINGNLDVLQHH
ETKKENRRLILDGGVDTTNDISLRNTQLSMQGHATEHAIYRDGAFSCSLPAPMRFLCGSDYVAGMQNTEADAVKQNGNAY
KTNNAVSDLSQPDWETGTFRFGTLHLENSDFSVGRNANVIGDIQASKSNITIGDTTAYIDLHAGKNITGDGFGFRQNIVR
GNSQGETLFTGGITAEDSTIVIKDKAKALFSNYVYLLNTKATIENGADVTTQSGMFSTSDISISGNLSMTGNPDKDNKFE
PSIYLNDASYLLTDDSARLVAKNKASVVGDIHSTKSASIMFGHDESDLSQLSDRTSKGLALGLLGGFDVSYRGSVNAPSA
SATMNNTWWQLTGDSALKTLKSTNSMVYFTDSANNKKFHTLTVDELATSNSAYAMRTNLSESDKLEVKKHLSGENNILLV
DFLQKPTPEKQLNIELVSAPKDTNENVFKASKQTIGFSDVTPVITTRETDDKITWSLTGYNTVANKEATRNAAALFSVDY
KAFLNEVN
;
_entity_poly.pdbx_strand_id   A
#
# COMPACT_ATOMS: atom_id res chain seq x y z
N SER A 1 20.62 -7.74 -26.89
CA SER A 1 20.29 -6.40 -26.32
C SER A 1 20.22 -5.29 -27.41
N GLN A 2 19.73 -5.63 -28.60
CA GLN A 2 19.40 -4.63 -29.63
C GLN A 2 17.90 -4.30 -29.60
N MET A 3 17.57 -3.17 -28.97
CA MET A 3 16.19 -2.86 -28.59
C MET A 3 15.55 -1.88 -29.56
N ASP A 4 14.39 -2.26 -30.11
CA ASP A 4 13.69 -1.37 -31.02
C ASP A 4 12.89 -0.38 -30.20
N ILE A 5 13.40 0.83 -30.08
CA ILE A 5 12.78 1.85 -29.26
C ILE A 5 11.89 2.77 -30.09
N SER A 6 11.44 2.28 -31.26
CA SER A 6 10.57 3.06 -32.13
C SER A 6 9.25 3.38 -31.45
N ASN A 7 8.67 2.38 -30.79
CA ASN A 7 7.39 2.56 -30.12
C ASN A 7 7.44 2.14 -28.64
N PHE A 8 8.61 1.76 -28.14
CA PHE A 8 8.79 1.44 -26.71
C PHE A 8 10.03 2.11 -26.16
N TYR A 9 10.10 2.20 -24.84
CA TYR A 9 11.23 2.83 -24.16
C TYR A 9 12.30 1.79 -23.85
N ILE A 10 13.55 2.23 -23.79
CA ILE A 10 14.66 1.35 -23.38
C ILE A 10 14.37 0.79 -21.99
N ARG A 11 13.85 1.64 -21.11
CA ARG A 11 13.53 1.22 -19.76
C ARG A 11 12.45 0.13 -19.70
N ASP A 12 11.58 0.05 -20.71
CA ASP A 12 10.59 -1.04 -20.75
C ASP A 12 11.27 -2.39 -20.85
N TYR A 13 12.24 -2.48 -21.76
CA TYR A 13 12.98 -3.72 -21.96
C TYR A 13 13.83 -4.08 -20.73
N MET A 14 14.25 -3.08 -19.97
CA MET A 14 15.02 -3.30 -18.75
C MET A 14 14.12 -3.77 -17.60
N ASP A 15 13.05 -3.02 -17.35
CA ASP A 15 12.03 -3.37 -16.37
C ASP A 15 11.56 -4.82 -16.55
N PHE A 16 11.38 -5.22 -17.81
CA PHE A 16 10.94 -6.56 -18.19
C PHE A 16 11.89 -7.61 -17.60
N ALA A 17 13.17 -7.46 -17.91
CA ALA A 17 14.18 -8.41 -17.45
C ALA A 17 14.38 -8.35 -15.94
N GLN A 18 14.16 -7.18 -15.35
CA GLN A 18 14.53 -6.95 -13.94
C GLN A 18 13.36 -7.05 -12.96
N ASN A 19 12.20 -7.49 -13.45
CA ASN A 19 10.97 -7.54 -12.65
C ASN A 19 10.66 -6.24 -11.92
N LYS A 20 10.91 -5.12 -12.58
CA LYS A 20 10.57 -3.81 -12.06
C LYS A 20 9.45 -3.21 -12.93
N GLY A 21 8.93 -2.07 -12.51
CA GLY A 21 7.81 -1.44 -13.18
C GLY A 21 6.55 -2.29 -13.14
N ILE A 22 5.93 -2.45 -14.30
CA ILE A 22 4.71 -3.25 -14.43
C ILE A 22 5.00 -4.76 -14.49
N PHE A 23 6.26 -5.14 -14.61
CA PHE A 23 6.64 -6.54 -14.87
C PHE A 23 6.93 -7.32 -13.57
N GLN A 24 6.04 -7.19 -12.60
CA GLN A 24 6.20 -7.90 -11.33
C GLN A 24 5.99 -9.40 -11.54
N ALA A 25 6.87 -10.19 -10.93
CA ALA A 25 6.76 -11.65 -10.93
C ALA A 25 5.33 -12.08 -10.57
N GLY A 26 4.74 -12.92 -11.41
CA GLY A 26 3.41 -13.46 -11.16
C GLY A 26 2.27 -12.65 -11.74
N ALA A 27 2.55 -11.41 -12.14
CA ALA A 27 1.49 -10.51 -12.59
C ALA A 27 0.92 -10.98 -13.92
N THR A 28 -0.39 -10.85 -14.06
CA THR A 28 -1.11 -11.18 -15.27
C THR A 28 -1.78 -9.90 -15.81
N ASN A 29 -2.24 -9.97 -17.06
CA ASN A 29 -2.86 -8.83 -17.74
C ASN A 29 -1.97 -7.58 -17.78
N ILE A 30 -0.67 -7.78 -17.98
CA ILE A 30 0.27 -6.67 -18.13
C ILE A 30 0.06 -6.03 -19.50
N GLU A 31 0.05 -4.70 -19.52
CA GLU A 31 -0.05 -3.93 -20.76
C GLU A 31 1.09 -2.94 -20.84
N ILE A 32 1.90 -3.04 -21.89
CA ILE A 32 2.99 -2.08 -22.11
C ILE A 32 2.40 -0.89 -22.86
N VAL A 33 2.57 0.30 -22.29
CA VAL A 33 2.09 1.51 -22.92
C VAL A 33 3.10 1.94 -23.96
N LYS A 34 2.69 1.94 -25.22
CA LYS A 34 3.57 2.33 -26.32
C LYS A 34 3.81 3.84 -26.32
N LYS A 35 4.84 4.26 -27.05
CA LYS A 35 5.15 5.67 -27.25
C LYS A 35 4.04 6.41 -28.00
N ASP A 36 3.23 5.68 -28.77
CA ASP A 36 2.08 6.28 -29.46
C ASP A 36 0.80 6.36 -28.62
N GLY A 37 0.84 5.90 -27.37
CA GLY A 37 -0.32 6.00 -26.46
C GLY A 37 -1.16 4.73 -26.35
N SER A 38 -1.11 3.88 -27.37
CA SER A 38 -1.83 2.61 -27.34
C SER A 38 -1.10 1.60 -26.45
N THR A 39 -1.63 0.39 -26.40
CA THR A 39 -1.22 -0.62 -25.43
C THR A 39 -0.83 -1.93 -26.11
N LEU A 40 0.18 -2.61 -25.57
CA LEU A 40 0.54 -3.96 -26.01
C LEU A 40 0.30 -4.95 -24.89
N LYS A 41 -0.66 -5.86 -25.08
CA LYS A 41 -0.93 -6.92 -24.11
C LYS A 41 0.14 -7.99 -24.18
N LEU A 42 0.72 -8.35 -23.04
CA LEU A 42 1.61 -9.49 -22.98
C LEU A 42 0.80 -10.79 -23.18
N PRO A 43 1.47 -11.89 -23.54
CA PRO A 43 0.82 -13.18 -23.60
C PRO A 43 0.20 -13.58 -22.25
N GLU A 44 -0.81 -14.42 -22.28
CA GLU A 44 -1.51 -14.84 -21.04
C GLU A 44 -0.72 -15.86 -20.24
N VAL A 45 0.20 -15.37 -19.43
CA VAL A 45 0.95 -16.20 -18.51
C VAL A 45 1.29 -15.38 -17.27
N PRO A 46 1.37 -16.03 -16.09
CA PRO A 46 1.98 -15.31 -14.97
C PRO A 46 3.36 -14.88 -15.39
N PHE A 47 3.71 -13.61 -15.20
CA PHE A 47 5.01 -13.13 -15.62
C PHE A 47 6.13 -13.87 -14.86
N PRO A 48 7.22 -14.23 -15.58
CA PRO A 48 8.28 -15.00 -14.95
C PRO A 48 9.08 -14.23 -13.91
N ASP A 49 9.52 -14.95 -12.89
CA ASP A 49 10.50 -14.42 -11.96
C ASP A 49 11.89 -14.67 -12.54
N PHE A 50 12.58 -13.59 -12.87
CA PHE A 50 13.89 -13.65 -13.51
C PHE A 50 15.04 -13.66 -12.51
N SER A 51 14.75 -13.86 -11.23
CA SER A 51 15.81 -13.90 -10.21
C SER A 51 16.85 -15.03 -10.40
N PRO A 52 16.49 -16.13 -11.08
CA PRO A 52 17.55 -17.08 -11.45
C PRO A 52 18.66 -16.53 -12.35
N VAL A 53 18.39 -15.47 -13.09
CA VAL A 53 19.38 -14.92 -14.00
C VAL A 53 20.44 -14.16 -13.21
N ALA A 54 21.70 -14.51 -13.43
CA ALA A 54 22.82 -13.87 -12.76
C ALA A 54 22.91 -12.39 -13.11
N ASN A 55 23.50 -11.61 -12.21
CA ASN A 55 23.68 -10.17 -12.40
C ASN A 55 24.13 -9.78 -13.81
N LYS A 56 25.07 -10.53 -14.39
CA LYS A 56 25.61 -10.27 -15.74
C LYS A 56 24.80 -10.89 -16.89
N GLY A 57 23.81 -11.72 -16.58
CA GLY A 57 22.89 -12.23 -17.60
C GLY A 57 23.28 -13.53 -18.31
N SER A 58 24.57 -13.81 -18.42
CA SER A 58 25.04 -14.91 -19.26
C SER A 58 25.06 -16.27 -18.56
N THR A 59 24.69 -16.27 -17.29
CA THR A 59 24.69 -17.46 -16.45
C THR A 59 23.36 -17.49 -15.72
N THR A 60 22.82 -18.68 -15.45
CA THR A 60 21.54 -18.80 -14.76
C THR A 60 21.56 -19.90 -13.73
N SER A 61 21.05 -19.61 -12.54
CA SER A 61 20.99 -20.58 -11.44
C SER A 61 19.96 -21.67 -11.71
N ILE A 62 20.33 -22.91 -11.42
CA ILE A 62 19.41 -24.02 -11.48
C ILE A 62 19.25 -24.62 -10.08
N GLY A 63 19.56 -23.83 -9.06
CA GLY A 63 19.37 -24.24 -7.68
C GLY A 63 20.66 -24.65 -7.02
N GLY A 64 20.76 -24.35 -5.73
CA GLY A 64 21.90 -24.74 -4.91
C GLY A 64 23.20 -24.16 -5.41
N ALA A 65 24.20 -25.03 -5.60
CA ALA A 65 25.51 -24.59 -6.06
C ALA A 65 25.66 -24.88 -7.54
N TYR A 66 24.59 -24.77 -8.30
CA TYR A 66 24.63 -25.11 -9.71
C TYR A 66 24.02 -24.02 -10.59
N SER A 67 24.65 -23.80 -11.74
CA SER A 67 24.18 -22.82 -12.70
C SER A 67 24.46 -23.35 -14.10
N ILE A 68 23.81 -22.78 -15.11
CA ILE A 68 24.00 -23.25 -16.49
C ILE A 68 24.39 -22.08 -17.37
N THR A 69 25.08 -22.38 -18.46
CA THR A 69 25.58 -21.35 -19.38
C THR A 69 25.98 -21.95 -20.74
N ALA A 70 26.77 -21.20 -21.52
CA ALA A 70 27.25 -21.64 -22.82
C ALA A 70 28.71 -22.06 -22.75
N THR A 71 29.00 -23.28 -23.22
CA THR A 71 30.36 -23.80 -23.24
C THR A 71 31.36 -22.84 -23.87
N HIS A 72 30.97 -22.17 -24.95
CA HIS A 72 31.92 -21.36 -25.72
C HIS A 72 32.21 -19.98 -25.09
N ASN A 73 31.48 -19.60 -24.04
CA ASN A 73 31.95 -18.49 -23.16
C ASN A 73 33.35 -18.79 -22.61
N THR A 74 33.56 -20.07 -22.26
CA THR A 74 34.80 -20.58 -21.66
C THR A 74 34.70 -20.65 -20.14
N LYS A 75 35.45 -21.61 -19.60
CA LYS A 75 35.66 -21.79 -18.17
C LYS A 75 36.18 -20.50 -17.51
N ASN A 76 37.00 -19.74 -18.24
CA ASN A 76 37.70 -18.56 -17.72
C ASN A 76 36.96 -17.24 -17.84
N HIS A 77 35.83 -17.23 -18.55
CA HIS A 77 35.13 -15.98 -18.79
C HIS A 77 34.84 -15.27 -17.49
N HIS A 78 34.91 -13.94 -17.51
CA HIS A 78 34.68 -13.16 -16.29
C HIS A 78 33.26 -13.33 -15.73
N SER A 79 32.29 -13.64 -16.60
CA SER A 79 30.91 -13.90 -16.17
C SER A 79 30.64 -15.37 -15.82
N VAL A 80 31.61 -16.26 -16.05
CA VAL A 80 31.47 -17.67 -15.72
C VAL A 80 32.32 -18.09 -14.51
N ALA A 81 33.61 -17.69 -14.51
CA ALA A 81 34.54 -18.08 -13.44
C ALA A 81 34.10 -17.48 -12.12
N THR A 82 33.57 -16.26 -12.18
CA THR A 82 32.88 -15.63 -11.06
C THR A 82 31.47 -15.28 -11.52
N GLN A 83 30.49 -15.63 -10.70
CA GLN A 83 29.08 -15.42 -10.99
C GLN A 83 28.40 -14.77 -9.78
N ASN A 84 27.63 -13.73 -10.02
CA ASN A 84 27.01 -12.95 -8.96
C ASN A 84 25.48 -12.95 -9.00
N TRP A 85 24.88 -13.03 -7.81
CA TRP A 85 23.46 -12.77 -7.62
C TRP A 85 23.32 -11.87 -6.40
N GLY A 86 22.62 -10.75 -6.55
CA GLY A 86 22.50 -9.77 -5.49
C GLY A 86 23.87 -9.29 -5.06
N ASN A 87 24.08 -9.25 -3.74
CA ASN A 87 25.36 -8.87 -3.17
C ASN A 87 26.36 -10.03 -3.01
N SER A 88 26.06 -11.21 -3.55
CA SER A 88 26.89 -12.39 -3.31
C SER A 88 27.75 -12.75 -4.52
N THR A 89 29.00 -13.16 -4.24
CA THR A 89 29.95 -13.61 -5.24
C THR A 89 30.14 -15.13 -5.14
N TYR A 90 30.10 -15.81 -6.29
CA TYR A 90 30.25 -17.28 -6.34
C TYR A 90 31.33 -17.63 -7.35
N LYS A 91 32.26 -18.50 -6.97
CA LYS A 91 33.31 -18.99 -7.86
C LYS A 91 32.95 -20.34 -8.45
N GLN A 92 33.22 -20.53 -9.74
CA GLN A 92 33.09 -21.84 -10.39
C GLN A 92 34.22 -22.75 -9.91
N THR A 93 33.89 -24.00 -9.55
CA THR A 93 34.89 -24.97 -9.09
C THR A 93 35.29 -25.89 -10.23
N ASP A 94 34.29 -26.31 -11.00
CA ASP A 94 34.48 -26.70 -12.40
C ASP A 94 33.09 -26.84 -13.04
N TRP A 95 33.01 -27.53 -14.18
CA TRP A 95 31.77 -27.65 -14.90
C TRP A 95 31.75 -28.93 -15.74
N ASN A 96 30.60 -29.21 -16.33
CA ASN A 96 30.40 -30.37 -17.19
C ASN A 96 29.73 -29.86 -18.46
N THR A 97 30.29 -30.18 -19.61
CA THR A 97 29.77 -29.66 -20.88
C THR A 97 29.31 -30.76 -21.83
N SER A 98 28.23 -30.50 -22.55
CA SER A 98 27.70 -31.43 -23.55
C SER A 98 27.42 -30.72 -24.89
N HIS A 99 27.61 -31.44 -25.99
CA HIS A 99 27.41 -30.90 -27.35
C HIS A 99 25.93 -30.52 -27.54
N PRO A 100 25.65 -29.44 -28.29
CA PRO A 100 26.56 -28.50 -28.97
C PRO A 100 27.28 -27.45 -28.11
N ASP A 101 26.59 -26.82 -27.15
CA ASP A 101 27.21 -25.70 -26.41
C ASP A 101 26.69 -25.53 -24.97
N PHE A 102 26.20 -26.62 -24.39
CA PHE A 102 25.54 -26.57 -23.09
C PHE A 102 26.56 -26.80 -21.96
N ALA A 103 26.56 -25.94 -20.96
CA ALA A 103 27.47 -26.07 -19.82
C ALA A 103 26.71 -25.95 -18.52
N VAL A 104 27.09 -26.79 -17.55
CA VAL A 104 26.54 -26.74 -16.20
C VAL A 104 27.73 -26.50 -15.27
N SER A 105 27.65 -25.46 -14.45
CA SER A 105 28.72 -25.08 -13.55
C SER A 105 28.45 -25.52 -12.12
N ARG A 106 29.49 -26.03 -11.46
CA ARG A 106 29.48 -26.24 -10.02
C ARG A 106 30.11 -24.99 -9.35
N LEU A 107 29.33 -24.37 -8.47
CA LEU A 107 29.73 -23.15 -7.75
C LEU A 107 30.30 -23.55 -6.39
N ASP A 108 31.00 -22.62 -5.73
CA ASP A 108 31.62 -22.91 -4.44
C ASP A 108 30.65 -22.70 -3.25
N LYS A 109 29.49 -22.11 -3.51
CA LYS A 109 28.51 -21.87 -2.44
C LYS A 109 27.08 -22.02 -2.91
N PHE A 110 26.19 -22.34 -1.97
CA PHE A 110 24.77 -22.40 -2.25
C PHE A 110 24.25 -20.98 -2.49
N VAL A 111 23.58 -20.77 -3.62
CA VAL A 111 23.09 -19.46 -3.99
C VAL A 111 21.84 -19.16 -3.17
N VAL A 112 21.90 -18.14 -2.32
CA VAL A 112 20.77 -17.76 -1.46
C VAL A 112 19.77 -16.80 -2.12
N GLU A 113 20.19 -16.10 -3.16
CA GLU A 113 19.36 -15.05 -3.79
C GLU A 113 18.12 -15.58 -4.55
N THR A 114 18.13 -16.85 -4.94
CA THR A 114 17.09 -17.38 -5.78
C THR A 114 17.00 -18.88 -5.65
N ARG A 115 15.78 -19.42 -5.77
CA ARG A 115 15.60 -20.87 -5.80
C ARG A 115 16.17 -21.45 -7.09
N GLY A 116 16.42 -20.59 -8.08
CA GLY A 116 16.85 -21.02 -9.40
C GLY A 116 15.73 -21.58 -10.27
N ALA A 117 16.02 -21.80 -11.56
CA ALA A 117 15.14 -22.57 -12.43
C ALA A 117 15.59 -24.02 -12.33
N THR A 118 14.99 -24.74 -11.38
CA THR A 118 15.43 -26.10 -11.01
C THR A 118 15.20 -27.12 -12.10
N GLU A 119 14.18 -26.91 -12.92
CA GLU A 119 13.75 -27.89 -13.92
C GLU A 119 13.86 -27.36 -15.34
N GLY A 120 14.14 -28.27 -16.27
CA GLY A 120 14.18 -27.97 -17.69
C GLY A 120 12.91 -28.35 -18.41
N ALA A 121 12.77 -27.86 -19.63
CA ALA A 121 11.69 -28.28 -20.51
C ALA A 121 11.97 -29.68 -21.04
N ASP A 122 10.91 -30.43 -21.32
CA ASP A 122 11.04 -31.74 -21.93
C ASP A 122 11.26 -31.54 -23.44
N ILE A 123 12.55 -31.50 -23.81
CA ILE A 123 12.94 -31.29 -25.21
C ILE A 123 12.58 -32.44 -26.14
N SER A 124 12.20 -33.59 -25.57
CA SER A 124 11.78 -34.75 -26.39
C SER A 124 10.31 -34.68 -26.84
N LEU A 125 9.60 -33.65 -26.42
CA LEU A 125 8.24 -33.38 -26.93
C LEU A 125 8.30 -32.95 -28.40
N SER A 126 7.33 -33.41 -29.17
CA SER A 126 7.19 -32.98 -30.56
C SER A 126 6.70 -31.53 -30.63
N LYS A 127 6.85 -30.92 -31.81
CA LYS A 127 6.29 -29.61 -32.11
C LYS A 127 4.91 -29.41 -31.47
N GLN A 128 3.99 -30.32 -31.79
CA GLN A 128 2.60 -30.20 -31.37
C GLN A 128 2.46 -30.37 -29.87
N GLN A 129 3.15 -31.37 -29.31
CA GLN A 129 3.12 -31.60 -27.86
C GLN A 129 3.65 -30.38 -27.10
N ALA A 130 4.70 -29.78 -27.64
CA ALA A 130 5.34 -28.62 -27.04
C ALA A 130 4.39 -27.42 -27.06
N LEU A 131 3.66 -27.27 -28.15
CA LEU A 131 2.71 -26.17 -28.28
C LEU A 131 1.60 -26.29 -27.23
N GLU A 132 1.15 -27.52 -26.98
CA GLU A 132 0.10 -27.79 -25.97
C GLU A 132 0.62 -27.59 -24.55
N ARG A 133 1.83 -28.09 -24.28
CA ARG A 133 2.44 -28.02 -22.95
C ARG A 133 2.94 -26.61 -22.59
N TYR A 134 3.52 -25.92 -23.56
CA TYR A 134 4.18 -24.64 -23.31
C TYR A 134 3.54 -23.43 -24.00
N GLY A 135 2.57 -23.66 -24.88
CA GLY A 135 1.95 -22.56 -25.61
C GLY A 135 1.24 -21.59 -24.70
N VAL A 136 1.13 -20.34 -25.16
CA VAL A 136 0.47 -19.28 -24.41
C VAL A 136 -0.32 -18.41 -25.39
N ASN A 137 -1.43 -17.85 -24.92
CA ASN A 137 -2.28 -17.02 -25.76
C ASN A 137 -1.67 -15.65 -26.04
N TYR A 138 -1.65 -15.27 -27.31
CA TYR A 138 -1.14 -13.97 -27.71
C TYR A 138 -1.89 -13.50 -28.94
N LYS A 139 -2.49 -12.32 -28.84
CA LYS A 139 -3.36 -11.82 -29.90
C LYS A 139 -4.36 -12.89 -30.34
N GLY A 140 -4.94 -13.58 -29.37
CA GLY A 140 -5.99 -14.55 -29.62
C GLY A 140 -5.55 -15.83 -30.30
N GLU A 141 -4.32 -16.26 -30.03
CA GLU A 141 -3.85 -17.55 -30.55
C GLU A 141 -2.82 -18.17 -29.62
N LYS A 142 -2.84 -19.49 -29.54
CA LYS A 142 -1.83 -20.25 -28.81
C LYS A 142 -0.55 -20.29 -29.63
N LYS A 143 0.52 -19.74 -29.08
CA LYS A 143 1.79 -19.70 -29.78
C LYS A 143 2.89 -20.20 -28.87
N LEU A 144 3.90 -20.83 -29.45
CA LEU A 144 5.06 -21.30 -28.69
C LEU A 144 5.94 -20.09 -28.44
N ILE A 145 5.59 -19.33 -27.41
CA ILE A 145 6.31 -18.11 -27.03
C ILE A 145 7.14 -18.34 -25.77
N ALA A 146 8.40 -17.90 -25.84
CA ALA A 146 9.32 -17.98 -24.71
C ALA A 146 9.69 -16.58 -24.20
N PHE A 147 10.23 -16.53 -22.99
CA PHE A 147 10.64 -15.30 -22.31
C PHE A 147 12.13 -15.41 -21.95
N ARG A 148 12.86 -14.30 -22.00
CA ARG A 148 14.27 -14.35 -21.64
C ARG A 148 14.84 -12.99 -21.30
N ALA A 149 16.05 -13.00 -20.74
CA ALA A 149 16.76 -11.79 -20.34
C ALA A 149 18.27 -12.01 -20.49
N GLY A 150 18.99 -10.92 -20.72
CA GLY A 150 20.45 -10.96 -20.79
C GLY A 150 21.01 -9.55 -20.87
N SER A 151 22.33 -9.42 -20.88
CA SER A 151 22.93 -8.11 -21.03
C SER A 151 24.16 -8.17 -21.93
N GLY A 152 23.94 -8.62 -23.17
CA GLY A 152 24.91 -8.47 -24.26
C GLY A 152 25.05 -7.02 -24.61
N VAL A 153 26.04 -6.69 -25.43
CA VAL A 153 26.32 -5.30 -25.80
C VAL A 153 25.01 -4.59 -26.19
N VAL A 154 24.78 -3.43 -25.59
CA VAL A 154 23.55 -2.67 -25.83
C VAL A 154 23.63 -1.85 -27.11
N SER A 155 22.57 -1.92 -27.90
CA SER A 155 22.31 -0.96 -28.98
C SER A 155 20.80 -0.72 -29.08
N VAL A 156 20.41 0.37 -29.74
CA VAL A 156 18.99 0.71 -29.88
C VAL A 156 18.66 1.01 -31.34
N LYS A 157 17.43 0.69 -31.72
CA LYS A 157 16.99 0.85 -33.10
C LYS A 157 15.74 1.70 -33.13
N LYS A 158 15.79 2.79 -33.90
CA LYS A 158 14.64 3.65 -34.06
C LYS A 158 14.35 3.82 -35.55
N ASN A 159 13.29 3.17 -36.01
CA ASN A 159 12.83 3.28 -37.39
C ASN A 159 13.94 3.00 -38.40
N GLY A 160 14.78 2.01 -38.11
CA GLY A 160 15.90 1.65 -38.99
C GLY A 160 17.28 2.06 -38.49
N ARG A 161 17.40 3.30 -38.01
CA ARG A 161 18.67 3.82 -37.48
C ARG A 161 19.09 3.12 -36.19
N ILE A 162 20.26 2.47 -36.25
CA ILE A 162 20.85 1.84 -35.08
C ILE A 162 21.85 2.78 -34.41
N THR A 163 21.77 2.86 -33.08
CA THR A 163 22.78 3.55 -32.29
C THR A 163 23.40 2.55 -31.32
N PRO A 164 24.71 2.31 -31.44
CA PRO A 164 25.37 1.33 -30.60
C PRO A 164 25.92 1.98 -29.33
N PHE A 165 25.98 1.21 -28.25
CA PHE A 165 26.67 1.65 -27.05
C PHE A 165 27.74 0.58 -26.74
N ASN A 166 28.87 0.69 -27.44
CA ASN A 166 29.82 -0.42 -27.57
C ASN A 166 30.46 -0.87 -26.27
N GLU A 167 30.57 0.03 -25.29
CA GLU A 167 31.19 -0.32 -24.01
C GLU A 167 30.23 -1.10 -23.12
N VAL A 168 28.94 -1.00 -23.39
CA VAL A 168 27.89 -1.45 -22.47
C VAL A 168 27.50 -2.93 -22.63
N SER A 169 28.33 -3.83 -22.11
CA SER A 169 27.99 -5.26 -22.07
C SER A 169 28.22 -5.83 -20.67
N TYR A 170 27.41 -6.81 -20.28
CA TYR A 170 27.48 -7.41 -18.94
C TYR A 170 27.27 -6.40 -17.80
N LYS A 171 26.53 -5.33 -18.11
CA LYS A 171 26.18 -4.32 -17.13
C LYS A 171 24.92 -4.80 -16.45
N PRO A 172 25.03 -5.16 -15.16
CA PRO A 172 23.87 -5.66 -14.43
C PRO A 172 22.67 -4.73 -14.53
N GLU A 173 22.93 -3.43 -14.43
CA GLU A 173 21.88 -2.41 -14.48
C GLU A 173 21.15 -2.47 -15.81
N MET A 174 21.83 -2.88 -16.86
CA MET A 174 21.26 -2.92 -18.22
C MET A 174 20.60 -4.25 -18.61
N LEU A 175 20.50 -5.19 -17.68
CA LEU A 175 19.81 -6.45 -17.96
C LEU A 175 18.46 -6.17 -18.62
N ASN A 176 18.23 -6.83 -19.77
CA ASN A 176 17.11 -6.50 -20.61
C ASN A 176 16.62 -7.75 -21.31
N GLY A 177 15.37 -7.73 -21.77
CA GLY A 177 14.80 -8.90 -22.36
C GLY A 177 13.50 -8.66 -23.10
N SER A 178 12.80 -9.75 -23.36
CA SER A 178 11.77 -9.78 -24.40
C SER A 178 11.01 -11.09 -24.28
N PHE A 179 9.80 -11.13 -24.84
CA PHE A 179 9.18 -12.41 -25.16
C PHE A 179 9.35 -12.64 -26.65
N VAL A 180 9.64 -13.89 -27.01
CA VAL A 180 10.05 -14.26 -28.35
C VAL A 180 9.28 -15.48 -28.82
N HIS A 181 9.26 -15.68 -30.13
CA HIS A 181 8.60 -16.85 -30.71
C HIS A 181 9.63 -17.91 -31.06
N ILE A 182 9.32 -19.16 -30.71
CA ILE A 182 10.17 -20.27 -31.10
C ILE A 182 9.75 -20.72 -32.47
N ASP A 183 10.53 -20.35 -33.48
CA ASP A 183 10.30 -20.79 -34.87
C ASP A 183 10.63 -22.28 -35.06
N ASP A 184 11.67 -22.75 -34.38
CA ASP A 184 12.11 -24.15 -34.50
C ASP A 184 12.29 -24.73 -33.12
N TRP A 185 11.51 -25.78 -32.81
CA TRP A 185 11.55 -26.44 -31.51
C TRP A 185 12.26 -27.79 -31.60
N SER A 186 11.87 -28.61 -32.57
CA SER A 186 12.38 -29.98 -32.67
C SER A 186 13.69 -30.12 -33.45
N GLY A 187 14.12 -29.03 -34.10
CA GLY A 187 15.41 -29.01 -34.78
C GLY A 187 16.58 -29.16 -33.83
N TRP A 188 17.78 -29.18 -34.39
CA TRP A 188 19.00 -29.44 -33.65
C TRP A 188 19.24 -28.41 -32.56
N LEU A 189 19.00 -27.14 -32.89
CA LEU A 189 19.02 -26.04 -31.92
C LEU A 189 17.64 -25.42 -31.90
N ILE A 190 17.20 -24.95 -30.74
CA ILE A 190 15.98 -24.18 -30.67
C ILE A 190 16.26 -22.79 -31.27
N LEU A 191 15.37 -22.34 -32.15
CA LEU A 191 15.55 -21.06 -32.85
C LEU A 191 14.42 -20.12 -32.52
N THR A 192 14.76 -18.94 -31.99
CA THR A 192 13.75 -17.95 -31.59
C THR A 192 13.78 -16.72 -32.48
N ASN A 193 12.59 -16.24 -32.87
CA ASN A 193 12.46 -14.97 -33.58
C ASN A 193 12.13 -13.88 -32.57
N ASN A 194 13.07 -12.96 -32.37
CA ASN A 194 12.94 -11.88 -31.39
C ASN A 194 12.29 -10.64 -32.00
N GLN A 195 11.87 -10.72 -33.25
CA GLN A 195 11.18 -9.60 -33.89
C GLN A 195 10.00 -10.15 -34.68
N PHE A 196 9.26 -11.07 -34.08
CA PHE A 196 8.08 -11.66 -34.71
C PHE A 196 6.87 -10.72 -34.67
N ASP A 197 6.88 -9.75 -33.75
CA ASP A 197 5.77 -8.81 -33.59
C ASP A 197 6.26 -7.40 -33.24
N GLU A 198 6.06 -6.91 -32.02
CA GLU A 198 6.30 -5.49 -31.69
C GLU A 198 7.39 -5.22 -30.64
N PHE A 199 7.35 -5.96 -29.54
CA PHE A 199 8.30 -5.75 -28.45
C PHE A 199 9.61 -6.45 -28.82
N ASN A 200 10.43 -5.76 -29.62
CA ASN A 200 11.52 -6.42 -30.35
C ASN A 200 12.91 -6.13 -29.77
N ASN A 201 13.54 -7.17 -29.25
CA ASN A 201 14.86 -7.06 -28.65
C ASN A 201 15.75 -8.23 -29.10
N ILE A 202 16.64 -7.98 -30.05
CA ILE A 202 17.46 -9.04 -30.63
C ILE A 202 18.66 -9.33 -29.75
N ALA A 203 19.08 -10.60 -29.71
CA ALA A 203 20.26 -11.00 -28.95
C ALA A 203 21.49 -10.41 -29.61
N SER A 204 22.40 -9.89 -28.81
CA SER A 204 23.69 -9.37 -29.29
C SER A 204 24.86 -10.05 -28.57
N GLN A 205 26.07 -9.72 -28.99
CA GLN A 205 27.26 -10.33 -28.41
C GLN A 205 27.31 -10.13 -26.90
N GLY A 206 27.43 -11.23 -26.17
CA GLY A 206 27.43 -11.20 -24.72
C GLY A 206 26.18 -11.81 -24.16
N ASP A 207 25.15 -11.96 -25.00
CA ASP A 207 23.95 -12.69 -24.60
C ASP A 207 24.18 -14.21 -24.56
N ALA A 208 25.28 -14.67 -25.13
CA ALA A 208 25.63 -16.10 -25.10
C ALA A 208 25.55 -16.71 -23.69
N GLY A 209 24.85 -17.83 -23.59
CA GLY A 209 24.68 -18.52 -22.31
C GLY A 209 23.36 -18.20 -21.63
N SER A 210 22.79 -17.03 -21.90
CA SER A 210 21.55 -16.60 -21.24
C SER A 210 20.42 -17.59 -21.53
N ALA A 211 19.52 -17.74 -20.57
CA ALA A 211 18.54 -18.82 -20.58
C ALA A 211 17.29 -18.46 -21.38
N LEU A 212 16.62 -19.49 -21.92
CA LEU A 212 15.31 -19.35 -22.56
C LEU A 212 14.29 -20.00 -21.63
N PHE A 213 13.24 -19.29 -21.25
CA PHE A 213 12.22 -19.82 -20.38
C PHE A 213 10.91 -20.03 -21.12
N VAL A 214 10.27 -21.15 -20.85
CA VAL A 214 8.93 -21.46 -21.34
C VAL A 214 8.09 -21.88 -20.16
N TYR A 215 6.77 -21.69 -20.27
CA TYR A 215 5.87 -21.93 -19.17
C TYR A 215 5.12 -23.25 -19.34
N ASP A 216 5.28 -24.14 -18.36
CA ASP A 216 4.61 -25.44 -18.34
C ASP A 216 3.16 -25.31 -17.82
N ASN A 217 2.19 -25.63 -18.68
CA ASN A 217 0.74 -25.70 -18.33
C ASN A 217 0.42 -26.47 -17.09
N GLN A 218 0.93 -27.71 -17.06
CA GLN A 218 0.59 -28.71 -16.06
C GLN A 218 1.28 -28.39 -14.75
N LYS A 219 2.59 -28.15 -14.82
CA LYS A 219 3.38 -27.85 -13.63
C LYS A 219 3.14 -26.43 -13.13
N LYS A 220 2.59 -25.57 -13.98
CA LYS A 220 2.31 -24.17 -13.64
C LYS A 220 3.57 -23.50 -13.13
N LYS A 221 4.59 -23.49 -13.97
CA LYS A 221 5.95 -23.25 -13.54
C LYS A 221 6.81 -22.92 -14.75
N TRP A 222 7.66 -21.89 -14.63
CA TRP A 222 8.60 -21.56 -15.69
C TRP A 222 9.77 -22.53 -15.65
N VAL A 223 10.13 -23.09 -16.80
CA VAL A 223 11.21 -24.07 -16.92
C VAL A 223 12.17 -23.61 -18.01
N VAL A 224 13.42 -24.08 -17.95
CA VAL A 224 14.45 -23.65 -18.92
C VAL A 224 14.52 -24.58 -20.13
N ALA A 225 14.49 -23.99 -21.33
CA ALA A 225 14.52 -24.74 -22.58
C ALA A 225 15.93 -24.88 -23.14
N GLY A 226 16.75 -23.84 -22.97
CA GLY A 226 18.12 -23.88 -23.46
C GLY A 226 18.95 -22.66 -23.12
N THR A 227 20.17 -22.65 -23.64
CA THR A 227 21.12 -21.56 -23.42
C THR A 227 21.59 -21.02 -24.76
N VAL A 228 21.86 -19.73 -24.85
CA VAL A 228 22.17 -19.10 -26.13
C VAL A 228 23.50 -19.62 -26.70
N TRP A 229 23.40 -20.24 -27.87
CA TRP A 229 24.51 -20.81 -28.62
C TRP A 229 25.13 -19.72 -29.50
N GLY A 230 24.28 -19.00 -30.22
CA GLY A 230 24.72 -17.95 -31.12
C GLY A 230 23.55 -17.29 -31.82
N ILE A 231 23.85 -16.59 -32.92
CA ILE A 231 22.87 -15.77 -33.62
C ILE A 231 23.02 -16.00 -35.11
N TYR A 232 21.90 -16.12 -35.82
CA TYR A 232 21.89 -16.25 -37.29
C TYR A 232 21.25 -15.01 -37.89
N ASN A 233 21.83 -14.51 -38.98
CA ASN A 233 21.19 -13.48 -39.80
C ASN A 233 20.97 -13.98 -41.21
N TYR A 234 19.74 -13.81 -41.70
CA TYR A 234 19.35 -14.30 -43.01
C TYR A 234 19.16 -13.11 -43.95
N ALA A 235 18.93 -13.39 -45.23
CA ALA A 235 18.64 -12.34 -46.22
C ALA A 235 17.37 -11.58 -45.83
N ASN A 236 17.35 -10.29 -46.13
CA ASN A 236 16.19 -9.42 -45.86
C ASN A 236 15.88 -9.25 -44.36
N GLY A 237 16.93 -9.21 -43.54
CA GLY A 237 16.81 -8.77 -42.15
C GLY A 237 16.23 -9.74 -41.13
N LYS A 238 15.96 -10.99 -41.53
CA LYS A 238 15.44 -12.00 -40.60
C LYS A 238 16.59 -12.46 -39.71
N ASN A 239 16.23 -12.92 -38.52
CA ASN A 239 17.19 -13.15 -37.46
C ASN A 239 16.64 -14.20 -36.51
N HIS A 240 17.52 -15.10 -36.06
CA HIS A 240 17.20 -16.03 -35.00
C HIS A 240 18.29 -15.99 -33.94
N ALA A 241 17.89 -16.13 -32.69
CA ALA A 241 18.80 -16.55 -31.64
C ALA A 241 18.74 -18.09 -31.58
N ALA A 242 19.90 -18.74 -31.56
CA ALA A 242 19.98 -20.19 -31.55
C ALA A 242 20.32 -20.70 -30.15
N TYR A 243 19.64 -21.77 -29.72
CA TYR A 243 19.76 -22.25 -28.33
C TYR A 243 20.17 -23.71 -28.23
N SER A 244 21.15 -23.97 -27.36
CA SER A 244 21.57 -25.32 -27.03
C SER A 244 20.60 -25.84 -25.95
N LYS A 245 19.97 -26.97 -26.24
CA LYS A 245 18.89 -27.48 -25.42
C LYS A 245 19.38 -27.90 -24.02
N TRP A 246 18.52 -27.69 -23.03
CA TRP A 246 18.67 -28.27 -21.71
C TRP A 246 19.02 -29.73 -21.84
N ASN A 247 20.12 -30.14 -21.23
CA ASN A 247 20.53 -31.54 -21.18
C ASN A 247 20.50 -32.01 -19.73
N GLN A 248 19.41 -32.71 -19.38
CA GLN A 248 19.19 -33.18 -18.02
C GLN A 248 20.34 -34.05 -17.50
N THR A 249 20.89 -34.88 -18.39
CA THR A 249 21.83 -35.88 -17.96
C THR A 249 23.19 -35.23 -17.64
N THR A 250 23.56 -34.18 -18.39
CA THR A 250 24.77 -33.42 -18.10
C THR A 250 24.69 -32.80 -16.71
N ILE A 251 23.50 -32.31 -16.36
CA ILE A 251 23.22 -31.77 -15.03
C ILE A 251 23.30 -32.84 -13.95
N ASP A 252 22.60 -33.94 -14.18
CA ASP A 252 22.49 -35.00 -13.17
C ASP A 252 23.82 -35.66 -12.85
N ASN A 253 24.66 -35.82 -13.88
CA ASN A 253 26.00 -36.38 -13.72
C ASN A 253 26.92 -35.45 -12.91
N LEU A 254 26.81 -34.14 -13.14
CA LEU A 254 27.62 -33.17 -12.41
C LEU A 254 27.17 -33.08 -10.94
N LYS A 255 25.86 -33.01 -10.74
CA LYS A 255 25.27 -33.02 -9.41
C LYS A 255 25.70 -34.24 -8.60
N ASN A 256 25.54 -35.43 -9.18
CA ASN A 256 25.89 -36.67 -8.48
C ASN A 256 27.39 -36.75 -8.16
N LYS A 257 28.21 -36.35 -9.12
CA LYS A 257 29.67 -36.26 -8.94
C LYS A 257 30.07 -35.33 -7.79
N TYR A 258 29.30 -34.27 -7.57
CA TYR A 258 29.59 -33.33 -6.48
C TYR A 258 28.71 -33.57 -5.24
N SER A 259 28.19 -34.78 -5.12
CA SER A 259 27.38 -35.20 -3.99
C SER A 259 27.98 -36.46 -3.43
N TYR A 260 27.80 -36.66 -2.13
CA TYR A 260 28.20 -37.90 -1.48
C TYR A 260 27.17 -38.24 -0.42
N ASN A 261 26.49 -39.37 -0.62
CA ASN A 261 25.43 -39.78 0.30
C ASN A 261 26.03 -40.34 1.57
N VAL A 262 25.49 -39.89 2.70
CA VAL A 262 25.84 -40.42 3.99
C VAL A 262 24.58 -41.00 4.63
N ASP A 263 24.53 -42.32 4.70
CA ASP A 263 23.40 -43.05 5.25
C ASP A 263 23.63 -43.25 6.76
N MET A 264 22.78 -42.61 7.57
CA MET A 264 22.85 -42.72 9.02
C MET A 264 21.63 -43.40 9.59
N SER A 265 20.97 -44.21 8.77
CA SER A 265 19.86 -45.03 9.23
C SER A 265 20.38 -45.99 10.29
N GLY A 266 20.05 -45.73 11.55
CA GLY A 266 20.42 -46.61 12.66
C GLY A 266 21.88 -46.53 13.07
N ALA A 267 22.74 -45.99 12.19
CA ALA A 267 24.19 -46.01 12.37
C ALA A 267 24.66 -44.85 13.29
N GLN A 268 24.07 -44.79 14.49
CA GLN A 268 24.52 -43.90 15.56
C GLN A 268 25.05 -42.53 15.08
N VAL A 269 26.38 -42.34 15.15
CA VAL A 269 27.00 -41.01 15.05
C VAL A 269 27.95 -40.91 13.86
N ALA A 270 27.74 -39.90 13.03
CA ALA A 270 28.68 -39.56 11.96
C ALA A 270 29.79 -38.68 12.53
N THR A 271 31.02 -39.20 12.54
CA THR A 271 32.17 -38.44 13.01
C THR A 271 33.06 -38.02 11.86
N ILE A 272 33.49 -36.76 11.87
CA ILE A 272 34.38 -36.23 10.85
C ILE A 272 35.63 -35.72 11.53
N GLU A 273 36.79 -36.20 11.08
CA GLU A 273 38.06 -35.81 11.66
C GLU A 273 39.14 -35.74 10.58
N ASN A 274 39.64 -34.53 10.33
CA ASN A 274 40.67 -34.32 9.32
C ASN A 274 40.33 -34.99 7.99
N GLY A 275 39.16 -34.63 7.45
CA GLY A 275 38.71 -35.12 6.14
C GLY A 275 38.25 -36.56 6.06
N LYS A 276 38.13 -37.24 7.20
CA LYS A 276 37.72 -38.65 7.24
C LYS A 276 36.36 -38.80 7.94
N LEU A 277 35.43 -39.44 7.24
CA LEU A 277 34.06 -39.68 7.73
C LEU A 277 33.92 -41.13 8.22
N THR A 278 33.69 -41.31 9.51
CA THR A 278 33.56 -42.63 10.12
C THR A 278 32.25 -42.76 10.87
N GLY A 279 31.87 -43.99 11.17
CA GLY A 279 30.70 -44.28 12.01
C GLY A 279 29.37 -44.35 11.28
N THR A 280 29.40 -44.52 9.96
CA THR A 280 28.18 -44.54 9.14
C THR A 280 28.16 -45.73 8.19
N GLY A 281 27.10 -45.82 7.39
CA GLY A 281 27.03 -46.80 6.31
C GLY A 281 27.77 -46.38 5.03
N SER A 282 28.40 -45.21 5.05
CA SER A 282 29.05 -44.64 3.88
C SER A 282 30.45 -44.10 4.21
N ASP A 283 31.26 -44.90 4.91
CA ASP A 283 32.57 -44.44 5.38
C ASP A 283 33.58 -44.27 4.23
N THR A 284 34.46 -43.28 4.38
CA THR A 284 35.48 -42.96 3.35
C THR A 284 36.54 -41.99 3.93
N THR A 285 37.67 -41.87 3.23
CA THR A 285 38.78 -40.97 3.66
C THR A 285 38.92 -39.66 2.81
N ASP A 286 37.86 -39.34 2.07
CA ASP A 286 37.55 -37.99 1.50
C ASP A 286 36.59 -38.18 0.28
N ILE A 287 35.47 -37.45 0.19
CA ILE A 287 34.98 -36.39 1.13
C ILE A 287 35.83 -35.11 1.23
N LYS A 288 35.83 -34.37 0.12
CA LYS A 288 36.27 -32.99 0.08
C LYS A 288 35.75 -32.48 -1.26
N ASN A 289 35.23 -31.25 -1.26
CA ASN A 289 34.61 -30.67 -2.46
C ASN A 289 33.32 -31.38 -2.88
N LYS A 290 32.62 -32.01 -1.94
CA LYS A 290 31.36 -32.66 -2.23
C LYS A 290 30.31 -32.32 -1.20
N ASP A 291 29.11 -32.02 -1.67
CA ASP A 291 27.95 -31.90 -0.78
C ASP A 291 27.75 -33.23 -0.06
N LEU A 292 27.86 -33.22 1.27
CA LEU A 292 27.48 -34.38 2.05
C LEU A 292 25.96 -34.38 2.16
N ILE A 293 25.36 -35.49 1.76
CA ILE A 293 23.91 -35.61 1.70
C ILE A 293 23.46 -36.62 2.76
N PHE A 294 23.03 -36.10 3.91
CA PHE A 294 22.67 -36.91 5.07
C PHE A 294 21.21 -37.36 5.05
N THR A 295 20.97 -38.65 5.28
CA THR A 295 19.63 -39.17 5.53
C THR A 295 19.62 -40.06 6.79
N GLY A 296 18.44 -40.22 7.39
CA GLY A 296 18.23 -41.14 8.51
C GLY A 296 18.22 -40.51 9.90
N GLY A 297 18.52 -39.21 9.98
CA GLY A 297 18.55 -38.50 11.26
C GLY A 297 19.80 -38.82 12.08
N GLY A 298 20.00 -38.04 13.14
CA GLY A 298 21.03 -38.35 14.14
C GLY A 298 22.09 -37.27 14.38
N ASP A 299 23.21 -37.70 14.94
CA ASP A 299 24.26 -36.79 15.37
C ASP A 299 25.43 -36.77 14.40
N ILE A 300 25.97 -35.57 14.18
CA ILE A 300 27.23 -35.38 13.47
C ILE A 300 28.22 -34.81 14.47
N LEU A 301 29.42 -35.40 14.55
CA LEU A 301 30.44 -34.98 15.49
C LEU A 301 31.72 -34.60 14.75
N LEU A 302 32.15 -33.35 14.88
CA LEU A 302 33.45 -32.94 14.39
C LEU A 302 34.47 -33.18 15.48
N LYS A 303 35.52 -33.97 15.21
CA LYS A 303 36.65 -34.10 16.14
C LYS A 303 37.80 -33.21 15.70
N SER A 304 37.57 -32.43 14.64
CA SER A 304 38.51 -31.40 14.20
C SER A 304 37.72 -30.36 13.43
N SER A 305 38.38 -29.28 13.04
CA SER A 305 37.76 -28.33 12.13
C SER A 305 37.52 -29.04 10.79
N PHE A 306 36.47 -28.63 10.10
CA PHE A 306 36.11 -29.25 8.82
C PHE A 306 35.96 -28.19 7.74
N ASP A 307 36.95 -28.16 6.85
CA ASP A 307 36.86 -27.38 5.63
C ASP A 307 36.53 -28.37 4.52
N ASN A 308 35.32 -28.27 3.98
CA ASN A 308 34.87 -29.20 2.94
C ASN A 308 35.06 -28.63 1.54
N GLY A 309 35.83 -27.55 1.44
CA GLY A 309 36.15 -26.94 0.16
C GLY A 309 34.93 -26.34 -0.48
N ALA A 310 34.63 -26.76 -1.70
CA ALA A 310 33.45 -26.30 -2.42
C ALA A 310 32.18 -27.03 -1.97
N GLY A 311 32.33 -28.04 -1.12
CA GLY A 311 31.20 -28.86 -0.70
C GLY A 311 30.47 -28.30 0.50
N GLY A 312 29.16 -28.53 0.55
CA GLY A 312 28.33 -28.09 1.65
C GLY A 312 27.73 -29.26 2.40
N LEU A 313 26.82 -28.92 3.31
CA LEU A 313 26.18 -29.88 4.19
C LEU A 313 24.71 -29.90 3.81
N VAL A 314 24.23 -31.04 3.33
CA VAL A 314 22.86 -31.19 2.86
C VAL A 314 22.12 -32.22 3.70
N PHE A 315 20.89 -31.89 4.07
CA PHE A 315 20.04 -32.78 4.87
C PHE A 315 18.75 -33.00 4.12
N ASN A 316 18.47 -34.27 3.78
CA ASN A 316 17.55 -34.61 2.70
C ASN A 316 16.28 -35.39 3.09
N ASP A 317 16.00 -35.53 4.39
CA ASP A 317 14.70 -36.07 4.84
C ASP A 317 14.11 -35.22 5.97
N LYS A 318 12.87 -35.51 6.38
CA LYS A 318 12.20 -34.69 7.40
C LYS A 318 12.61 -35.06 8.85
N LYS A 319 13.85 -35.54 9.03
CA LYS A 319 14.38 -35.91 10.35
C LYS A 319 15.17 -34.77 10.99
N THR A 320 15.54 -34.97 12.26
CA THR A 320 16.33 -34.01 13.02
C THR A 320 17.79 -34.45 13.11
N TYR A 321 18.69 -33.47 13.02
CA TYR A 321 20.12 -33.71 13.09
C TYR A 321 20.74 -32.75 14.10
N ARG A 322 21.87 -33.15 14.66
CA ARG A 322 22.64 -32.32 15.56
C ARG A 322 24.09 -32.29 15.11
N VAL A 323 24.64 -31.09 15.01
CA VAL A 323 26.05 -30.95 14.70
C VAL A 323 26.75 -30.40 15.92
N ASN A 324 27.63 -31.24 16.49
CA ASN A 324 28.44 -30.89 17.65
C ASN A 324 29.90 -31.02 17.30
N GLY A 325 30.76 -30.38 18.10
CA GLY A 325 32.19 -30.48 17.89
C GLY A 325 32.99 -29.42 18.61
N ASP A 326 33.08 -29.55 19.92
CA ASP A 326 34.01 -28.76 20.71
C ASP A 326 33.89 -27.27 20.30
N ASP A 327 35.03 -26.62 20.05
CA ASP A 327 35.05 -25.28 19.47
C ASP A 327 35.59 -25.33 18.03
N PHE A 328 35.37 -26.46 17.35
CA PHE A 328 35.79 -26.61 15.97
C PHE A 328 34.79 -25.94 15.05
N THR A 329 35.18 -25.70 13.80
CA THR A 329 34.37 -24.92 12.86
C THR A 329 34.14 -25.64 11.55
N PHE A 330 33.10 -25.20 10.85
CA PHE A 330 32.82 -25.70 9.52
C PHE A 330 33.00 -24.59 8.50
N LYS A 331 33.53 -24.98 7.34
CA LYS A 331 33.61 -24.12 6.18
C LYS A 331 33.24 -24.94 4.96
N GLY A 332 32.48 -24.32 4.06
CA GLY A 332 32.05 -24.95 2.83
C GLY A 332 30.98 -24.15 2.10
N ALA A 333 30.21 -24.83 1.26
CA ALA A 333 29.22 -24.20 0.41
C ALA A 333 28.04 -23.66 1.20
N GLY A 334 27.87 -24.15 2.43
CA GLY A 334 26.76 -23.75 3.27
C GLY A 334 25.99 -24.93 3.85
N VAL A 335 24.74 -24.66 4.21
CA VAL A 335 23.84 -25.67 4.76
C VAL A 335 22.53 -25.65 3.98
N ASP A 336 22.19 -26.78 3.36
CA ASP A 336 20.94 -26.93 2.63
C ASP A 336 20.03 -27.88 3.41
N THR A 337 19.09 -27.31 4.15
CA THR A 337 18.10 -28.10 4.87
C THR A 337 16.91 -28.41 3.96
N ARG A 338 16.88 -29.59 3.35
CA ARG A 338 15.79 -29.99 2.46
C ARG A 338 14.71 -30.81 3.13
N ASN A 339 13.54 -30.88 2.49
CA ASN A 339 12.46 -31.81 2.87
C ASN A 339 12.03 -31.70 4.34
N GLY A 340 12.05 -30.48 4.88
CA GLY A 340 11.67 -30.24 6.25
C GLY A 340 12.64 -30.72 7.31
N SER A 341 13.88 -30.99 6.92
CA SER A 341 14.90 -31.39 7.89
C SER A 341 15.07 -30.30 8.95
N THR A 342 15.47 -30.72 10.15
CA THR A 342 15.75 -29.80 11.25
C THR A 342 17.18 -30.06 11.71
N VAL A 343 18.02 -29.03 11.63
CA VAL A 343 19.42 -29.15 12.04
C VAL A 343 19.65 -28.26 13.27
N GLU A 344 20.03 -28.90 14.37
CA GLU A 344 20.41 -28.21 15.58
C GLU A 344 21.89 -27.94 15.45
N TRP A 345 22.23 -26.69 15.17
CA TRP A 345 23.59 -26.30 14.83
C TRP A 345 24.28 -25.85 16.11
N ASN A 346 25.18 -26.69 16.61
CA ASN A 346 25.86 -26.42 17.86
C ASN A 346 27.37 -26.35 17.64
N ILE A 347 27.76 -25.84 16.48
CA ILE A 347 29.15 -25.52 16.20
C ILE A 347 29.19 -24.11 15.61
N ARG A 348 30.40 -23.60 15.40
CA ARG A 348 30.56 -22.30 14.76
C ARG A 348 30.88 -22.50 13.28
N TYR A 349 30.25 -21.71 12.42
CA TYR A 349 30.74 -21.60 11.05
C TYR A 349 32.02 -20.75 11.07
N ASP A 350 32.87 -20.95 10.06
CA ASP A 350 34.15 -20.25 9.95
C ASP A 350 33.99 -18.74 10.18
N ASN A 351 34.84 -18.19 11.02
CA ASN A 351 34.73 -16.77 11.45
C ASN A 351 35.12 -15.72 10.40
N LYS A 352 35.74 -16.15 9.30
CA LYS A 352 36.14 -15.24 8.22
C LYS A 352 35.40 -15.53 6.91
N ASP A 353 34.22 -16.14 6.99
CA ASP A 353 33.47 -16.57 5.80
C ASP A 353 32.00 -16.58 6.14
N ASN A 354 31.15 -16.37 5.14
CA ASN A 354 29.71 -16.29 5.36
C ASN A 354 29.03 -17.65 5.28
N LEU A 355 28.15 -17.94 6.24
CA LEU A 355 27.32 -19.14 6.20
C LEU A 355 26.14 -18.90 5.27
N HIS A 356 25.98 -19.78 4.28
CA HIS A 356 24.86 -19.71 3.35
C HIS A 356 23.85 -20.78 3.71
N LYS A 357 22.61 -20.37 3.96
CA LYS A 357 21.55 -21.30 4.31
C LYS A 357 20.47 -21.28 3.24
N ILE A 358 20.16 -22.44 2.69
CA ILE A 358 19.02 -22.59 1.80
C ILE A 358 18.23 -23.82 2.24
N GLY A 359 17.19 -24.19 1.47
CA GLY A 359 16.36 -25.34 1.77
C GLY A 359 15.13 -24.96 2.58
N ASP A 360 14.05 -25.72 2.41
CA ASP A 360 12.78 -25.36 3.07
C ASP A 360 12.76 -25.72 4.56
N GLY A 361 13.76 -26.46 5.04
CA GLY A 361 13.81 -26.87 6.45
C GLY A 361 14.32 -25.80 7.40
N THR A 362 14.78 -26.25 8.57
CA THR A 362 15.16 -25.38 9.69
C THR A 362 16.60 -25.52 10.15
N LEU A 363 17.26 -24.38 10.33
CA LEU A 363 18.58 -24.29 10.94
C LEU A 363 18.39 -23.68 12.33
N ASP A 364 18.59 -24.47 13.38
CA ASP A 364 18.37 -24.05 14.76
C ASP A 364 19.74 -23.81 15.41
N VAL A 365 20.19 -22.56 15.41
CA VAL A 365 21.56 -22.22 15.83
C VAL A 365 21.60 -22.05 17.34
N ARG A 366 22.38 -22.89 18.01
CA ARG A 366 22.37 -22.99 19.46
C ARG A 366 23.49 -22.25 20.15
N LYS A 367 24.49 -21.79 19.40
CA LYS A 367 25.55 -21.01 20.01
C LYS A 367 25.94 -19.82 19.14
N THR A 368 26.54 -18.82 19.80
CA THR A 368 27.03 -17.61 19.15
C THR A 368 28.05 -18.00 18.08
N GLN A 369 27.89 -17.46 16.89
CA GLN A 369 28.70 -17.87 15.75
C GLN A 369 29.93 -17.00 15.53
N ASN A 370 29.83 -15.72 15.91
CA ASN A 370 30.86 -14.72 15.60
C ASN A 370 31.24 -14.74 14.11
N THR A 371 30.21 -14.78 13.26
CA THR A 371 30.38 -14.70 11.83
C THR A 371 29.02 -14.31 11.22
N ASN A 372 28.93 -14.21 9.90
CA ASN A 372 27.71 -13.76 9.26
C ASN A 372 26.88 -14.88 8.65
N LEU A 373 25.57 -14.69 8.64
CA LEU A 373 24.63 -15.54 7.92
C LEU A 373 24.13 -14.84 6.66
N LYS A 374 24.08 -15.60 5.56
CA LYS A 374 23.28 -15.24 4.38
C LYS A 374 22.21 -16.31 4.22
N THR A 375 20.94 -15.91 4.27
CA THR A 375 19.85 -16.86 4.19
C THR A 375 18.83 -16.44 3.14
N GLY A 376 18.33 -17.43 2.40
CA GLY A 376 17.35 -17.22 1.35
C GLY A 376 16.09 -18.06 1.45
N GLU A 377 16.06 -19.05 2.33
CA GLU A 377 14.95 -20.02 2.34
C GLU A 377 14.73 -20.68 3.70
N GLY A 378 13.49 -21.06 3.96
CA GLY A 378 13.15 -21.86 5.12
C GLY A 378 13.31 -21.07 6.41
N LEU A 379 13.69 -21.77 7.48
CA LEU A 379 13.69 -21.16 8.80
C LEU A 379 15.10 -21.14 9.40
N VAL A 380 15.45 -20.03 10.03
CA VAL A 380 16.61 -19.99 10.92
C VAL A 380 16.18 -19.51 12.29
N ILE A 381 16.40 -20.34 13.30
CA ILE A 381 16.12 -20.01 14.67
C ILE A 381 17.43 -19.48 15.27
N LEU A 382 17.39 -18.24 15.75
CA LEU A 382 18.51 -17.66 16.49
C LEU A 382 18.36 -18.01 17.96
N GLY A 383 19.10 -19.02 18.40
CA GLY A 383 18.93 -19.58 19.75
C GLY A 383 19.95 -19.17 20.79
N ALA A 384 20.88 -18.29 20.42
CA ALA A 384 21.94 -17.82 21.31
C ALA A 384 21.98 -16.30 21.26
N GLU A 385 22.52 -15.67 22.30
CA GLU A 385 22.70 -14.22 22.28
C GLU A 385 23.74 -13.86 21.21
N LYS A 386 23.45 -12.81 20.45
CA LYS A 386 24.27 -12.40 19.33
C LYS A 386 24.57 -13.59 18.40
N THR A 387 23.52 -14.31 18.00
CA THR A 387 23.71 -15.53 17.22
C THR A 387 24.67 -15.32 16.06
N PHE A 388 24.42 -14.28 15.26
CA PHE A 388 25.32 -13.88 14.18
C PHE A 388 25.71 -12.42 14.31
N ASN A 389 26.88 -12.08 13.80
CA ASN A 389 27.32 -10.68 13.76
C ASN A 389 26.45 -9.86 12.81
N ASN A 390 26.22 -10.39 11.61
CA ASN A 390 25.27 -9.81 10.65
C ASN A 390 24.46 -10.89 9.96
N ILE A 391 23.28 -10.52 9.49
CA ILE A 391 22.39 -11.43 8.77
C ILE A 391 21.92 -10.72 7.50
N TYR A 392 22.01 -11.44 6.38
CA TYR A 392 21.53 -10.97 5.08
C TYR A 392 20.40 -11.89 4.65
N ILE A 393 19.19 -11.33 4.55
CA ILE A 393 17.96 -12.06 4.19
C ILE A 393 17.49 -11.61 2.82
N THR A 394 17.43 -12.53 1.86
CA THR A 394 17.10 -12.20 0.47
C THR A 394 16.14 -13.22 -0.13
N SER A 395 15.40 -12.79 -1.16
CA SER A 395 14.56 -13.64 -2.00
C SER A 395 13.09 -13.75 -1.56
N GLY A 396 12.79 -13.47 -0.30
CA GLY A 396 11.42 -13.56 0.19
C GLY A 396 11.03 -14.89 0.85
N ASP A 397 11.81 -15.94 0.62
CA ASP A 397 11.40 -17.28 1.07
C ASP A 397 11.89 -17.68 2.47
N GLY A 398 12.72 -16.84 3.08
CA GLY A 398 13.38 -17.18 4.33
C GLY A 398 12.80 -16.46 5.54
N THR A 399 12.89 -17.12 6.69
CA THR A 399 12.41 -16.58 7.95
C THR A 399 13.50 -16.73 9.00
N VAL A 400 13.70 -15.67 9.78
CA VAL A 400 14.61 -15.68 10.91
C VAL A 400 13.80 -15.45 12.18
N ARG A 401 13.84 -16.41 13.11
CA ARG A 401 13.08 -16.32 14.35
C ARG A 401 14.01 -16.17 15.53
N LEU A 402 13.77 -15.15 16.35
CA LEU A 402 14.47 -14.97 17.61
C LEU A 402 13.99 -16.02 18.59
N ASN A 403 14.92 -16.76 19.17
CA ASN A 403 14.57 -17.76 20.19
C ASN A 403 15.50 -17.64 21.40
N ALA A 404 15.99 -16.43 21.65
CA ALA A 404 16.80 -16.17 22.82
C ALA A 404 16.82 -14.68 23.12
N GLU A 405 17.07 -14.36 24.38
CA GLU A 405 17.20 -12.98 24.79
C GLU A 405 18.45 -12.40 24.12
N ASN A 406 18.36 -11.16 23.64
CA ASN A 406 19.52 -10.46 23.09
C ASN A 406 20.13 -11.17 21.87
N ALA A 407 19.27 -11.70 21.01
CA ALA A 407 19.70 -12.59 19.93
C ALA A 407 20.41 -11.91 18.75
N LEU A 408 20.18 -10.60 18.55
CA LEU A 408 20.80 -9.87 17.42
C LEU A 408 22.04 -9.12 17.87
N SER A 409 22.76 -8.54 16.94
CA SER A 409 23.96 -7.76 17.24
C SER A 409 23.63 -6.27 17.40
N GLY A 410 24.65 -5.43 17.47
CA GLY A 410 24.47 -3.99 17.71
C GLY A 410 24.55 -3.15 16.44
N GLY A 411 24.89 -1.87 16.61
CA GLY A 411 25.01 -0.94 15.50
C GLY A 411 23.68 -0.34 15.10
N GLU A 412 23.70 0.42 14.00
CA GLU A 412 22.53 1.12 13.49
C GLU A 412 21.40 0.17 13.06
N TYR A 413 21.76 -1.03 12.62
CA TYR A 413 20.76 -1.93 12.03
C TYR A 413 20.49 -3.22 12.81
N ASN A 414 21.13 -3.40 13.95
CA ASN A 414 21.12 -4.69 14.66
C ASN A 414 21.64 -5.85 13.80
N GLY A 415 22.45 -5.54 12.78
CA GLY A 415 23.06 -6.55 11.92
C GLY A 415 22.06 -7.33 11.08
N ILE A 416 20.95 -6.71 10.73
CA ILE A 416 19.96 -7.35 9.87
C ILE A 416 19.79 -6.53 8.60
N PHE A 417 19.94 -7.19 7.46
CA PHE A 417 19.88 -6.53 6.17
C PHE A 417 18.96 -7.30 5.26
N PHE A 418 17.86 -6.66 4.85
CA PHE A 418 16.91 -7.26 3.94
C PHE A 418 17.22 -6.80 2.51
N ALA A 419 17.73 -7.70 1.68
CA ALA A 419 18.03 -7.39 0.30
C ALA A 419 16.80 -7.66 -0.56
N LYS A 420 17.00 -7.90 -1.85
CA LYS A 420 15.91 -7.96 -2.81
C LYS A 420 14.82 -8.95 -2.37
N ASN A 421 13.57 -8.48 -2.32
CA ASN A 421 12.41 -9.27 -1.87
C ASN A 421 12.43 -9.74 -0.41
N GLY A 422 13.47 -9.34 0.32
CA GLY A 422 13.55 -9.51 1.77
C GLY A 422 13.20 -10.89 2.33
N GLY A 423 12.37 -10.87 3.36
CA GLY A 423 12.05 -12.06 4.15
C GLY A 423 11.48 -11.60 5.49
N THR A 424 11.28 -12.54 6.40
CA THR A 424 10.59 -12.26 7.65
C THR A 424 11.51 -12.42 8.85
N LEU A 425 11.55 -11.40 9.69
CA LEU A 425 12.18 -11.48 11.01
C LEU A 425 11.05 -11.65 12.03
N ASP A 426 11.00 -12.78 12.75
CA ASP A 426 10.00 -13.01 13.79
C ASP A 426 10.57 -12.76 15.19
N LEU A 427 10.13 -11.68 15.82
CA LEU A 427 10.60 -11.27 17.16
C LEU A 427 10.20 -12.27 18.24
N ASN A 428 9.10 -12.98 18.02
CA ASN A 428 8.76 -14.15 18.80
C ASN A 428 8.85 -13.88 20.29
N GLY A 429 8.07 -12.91 20.75
CA GLY A 429 7.97 -12.61 22.19
C GLY A 429 9.07 -11.74 22.76
N TYR A 430 10.13 -11.47 21.99
CA TYR A 430 11.23 -10.61 22.43
C TYR A 430 11.07 -9.21 21.86
N ASN A 431 11.52 -8.21 22.61
CA ASN A 431 11.52 -6.83 22.16
C ASN A 431 12.83 -6.51 21.44
N GLN A 432 12.76 -5.64 20.44
CA GLN A 432 13.97 -5.14 19.78
C GLN A 432 13.90 -3.63 19.53
N SER A 433 15.06 -2.97 19.71
CA SER A 433 15.24 -1.56 19.38
C SER A 433 16.18 -1.44 18.20
N PHE A 434 15.72 -0.78 17.14
CA PHE A 434 16.55 -0.50 15.99
C PHE A 434 16.68 1.00 15.90
N ASN A 435 17.87 1.47 15.53
CA ASN A 435 18.00 2.84 15.05
C ASN A 435 17.37 2.92 13.68
N LYS A 436 17.73 1.99 12.79
CA LYS A 436 17.11 1.87 11.46
C LYS A 436 17.00 0.41 11.06
N ILE A 437 15.94 0.04 10.36
CA ILE A 437 15.83 -1.29 9.79
C ILE A 437 16.37 -1.22 8.38
N ALA A 438 17.50 -1.88 8.12
CA ALA A 438 18.11 -1.86 6.80
C ALA A 438 17.31 -2.77 5.87
N ALA A 439 16.23 -2.24 5.30
CA ALA A 439 15.40 -2.99 4.35
C ALA A 439 15.34 -2.23 3.03
N THR A 440 15.40 -2.96 1.90
CA THR A 440 15.44 -2.34 0.58
C THR A 440 14.10 -2.31 -0.15
N ASP A 441 13.17 -3.16 0.27
CA ASP A 441 11.82 -3.15 -0.29
C ASP A 441 10.74 -3.74 0.64
N SER A 442 9.51 -3.78 0.15
CA SER A 442 8.35 -4.24 0.90
C SER A 442 8.33 -5.75 1.22
N GLY A 443 9.26 -6.51 0.67
CA GLY A 443 9.41 -7.92 1.06
C GLY A 443 9.95 -8.11 2.47
N ALA A 444 10.56 -7.07 3.03
CA ALA A 444 11.04 -7.09 4.41
C ALA A 444 9.86 -7.00 5.35
N VAL A 445 9.75 -7.99 6.25
CA VAL A 445 8.68 -8.04 7.22
C VAL A 445 9.31 -8.21 8.58
N ILE A 446 8.94 -7.35 9.53
CA ILE A 446 9.18 -7.64 10.94
C ILE A 446 7.85 -8.02 11.54
N THR A 447 7.82 -9.13 12.27
CA THR A 447 6.56 -9.64 12.84
C THR A 447 6.78 -10.28 14.21
N ASN A 448 5.69 -10.74 14.80
CA ASN A 448 5.73 -11.51 16.03
C ASN A 448 4.58 -12.51 16.03
N THR A 449 4.95 -13.78 15.95
CA THR A 449 3.99 -14.86 15.94
C THR A 449 3.74 -15.41 17.34
N SER A 450 4.47 -14.93 18.34
CA SER A 450 4.27 -15.43 19.69
C SER A 450 2.98 -14.88 20.26
N THR A 451 2.38 -15.61 21.20
CA THR A 451 1.23 -15.11 21.93
C THR A 451 1.68 -14.08 22.96
N LYS A 452 2.96 -14.12 23.32
CA LYS A 452 3.52 -13.06 24.14
C LYS A 452 3.82 -11.86 23.27
N LYS A 453 3.41 -10.69 23.74
CA LYS A 453 3.56 -9.46 22.98
C LYS A 453 5.02 -9.01 22.93
N SER A 454 5.45 -8.49 21.80
CA SER A 454 6.76 -7.83 21.73
C SER A 454 6.64 -6.40 21.22
N ILE A 455 7.59 -5.59 21.66
CA ILE A 455 7.64 -4.18 21.36
C ILE A 455 8.81 -3.89 20.42
N LEU A 456 8.52 -3.29 19.27
CA LEU A 456 9.52 -2.86 18.31
C LEU A 456 9.71 -1.35 18.45
N SER A 457 10.87 -0.94 19.00
CA SER A 457 11.20 0.48 19.13
C SER A 457 12.02 0.90 17.92
N LEU A 458 11.63 2.03 17.32
CA LEU A 458 12.39 2.60 16.20
C LEU A 458 12.95 3.94 16.63
N ASN A 459 14.26 4.10 16.58
CA ASN A 459 14.91 5.28 17.15
C ASN A 459 15.85 5.96 16.15
N ASN A 460 15.35 6.19 14.94
CA ASN A 460 16.18 6.78 13.89
C ASN A 460 16.62 8.19 14.23
N THR A 461 17.89 8.44 13.96
CA THR A 461 18.58 9.62 14.41
C THR A 461 18.56 10.74 13.36
N ALA A 462 18.20 10.37 12.13
CA ALA A 462 18.04 11.33 11.03
C ALA A 462 16.86 10.89 10.19
N ASP A 463 16.45 11.70 9.20
CA ASP A 463 15.35 11.29 8.31
C ASP A 463 15.65 9.90 7.74
N TYR A 464 14.61 9.08 7.64
CA TYR A 464 14.79 7.69 7.23
C TYR A 464 13.46 7.10 6.79
N ILE A 465 13.49 6.35 5.69
CA ILE A 465 12.31 5.65 5.17
C ILE A 465 12.46 4.16 5.43
N TYR A 466 11.48 3.57 6.12
CA TYR A 466 11.38 2.12 6.22
C TYR A 466 10.45 1.60 5.12
N HIS A 467 10.99 0.75 4.24
CA HIS A 467 10.27 0.23 3.10
C HIS A 467 9.48 -1.03 3.41
N GLY A 468 9.73 -1.62 4.58
CA GLY A 468 9.19 -2.95 4.87
C GLY A 468 7.81 -2.95 5.51
N ASN A 469 7.46 -4.08 6.11
CA ASN A 469 6.21 -4.21 6.82
C ASN A 469 6.44 -4.47 8.30
N ILE A 470 5.46 -4.06 9.11
CA ILE A 470 5.38 -4.40 10.51
C ILE A 470 4.05 -5.13 10.70
N ASN A 471 4.11 -6.44 11.00
CA ASN A 471 2.90 -7.27 11.13
C ASN A 471 2.82 -7.95 12.50
N GLY A 472 1.70 -8.61 12.75
CA GLY A 472 1.59 -9.56 13.84
C GLY A 472 1.42 -8.94 15.21
N ASN A 473 1.87 -9.66 16.22
CA ASN A 473 1.60 -9.30 17.61
C ASN A 473 2.69 -8.39 18.16
N LEU A 474 2.84 -7.21 17.56
CA LEU A 474 3.77 -6.23 18.12
C LEU A 474 3.22 -4.80 18.20
N ASP A 475 3.52 -4.14 19.31
CA ASP A 475 3.32 -2.70 19.46
C ASP A 475 4.56 -2.02 18.88
N VAL A 476 4.38 -0.84 18.29
CA VAL A 476 5.49 -0.03 17.80
C VAL A 476 5.66 1.22 18.66
N LEU A 477 6.90 1.60 18.90
CA LEU A 477 7.21 2.75 19.77
C LEU A 477 8.27 3.62 19.11
N GLN A 478 7.99 4.92 18.99
CA GLN A 478 9.04 5.88 18.69
C GLN A 478 8.95 7.05 19.63
N HIS A 479 9.78 7.01 20.66
CA HIS A 479 9.82 8.04 21.67
C HIS A 479 11.19 8.71 21.64
N HIS A 480 11.22 10.05 21.67
CA HIS A 480 12.46 10.82 21.84
C HIS A 480 12.25 11.67 23.06
N GLU A 481 13.33 12.15 23.69
CA GLU A 481 13.21 12.96 24.91
C GLU A 481 12.86 14.41 24.56
N THR A 482 13.35 14.87 23.41
CA THR A 482 13.05 16.20 22.91
C THR A 482 12.53 16.07 21.49
N LYS A 483 11.65 16.98 21.09
CA LYS A 483 11.20 17.03 19.70
C LYS A 483 12.17 17.90 18.91
N LYS A 484 12.84 17.28 17.95
CA LYS A 484 13.78 17.96 17.10
C LYS A 484 13.31 17.84 15.67
N GLU A 485 13.80 18.75 14.84
CA GLU A 485 13.53 18.68 13.42
C GLU A 485 14.51 17.69 12.79
N ASN A 486 14.21 17.27 11.56
CA ASN A 486 15.13 16.48 10.75
C ASN A 486 15.42 15.07 11.25
N ARG A 487 14.42 14.44 11.85
CA ARG A 487 14.50 13.00 12.04
C ARG A 487 13.12 12.36 11.92
N ARG A 488 12.50 12.61 10.78
CA ARG A 488 11.19 12.02 10.47
C ARG A 488 11.37 10.56 10.14
N LEU A 489 10.45 9.74 10.65
CA LEU A 489 10.34 8.33 10.29
C LEU A 489 9.29 8.25 9.18
N ILE A 490 9.67 7.73 8.02
CA ILE A 490 8.73 7.53 6.92
C ILE A 490 8.49 6.04 6.69
N LEU A 491 7.23 5.65 6.75
CA LEU A 491 6.80 4.31 6.45
C LEU A 491 6.18 4.36 5.07
N ASP A 492 6.75 3.67 4.10
CA ASP A 492 6.13 3.57 2.78
C ASP A 492 5.96 2.12 2.33
N GLY A 493 5.98 1.19 3.28
CA GLY A 493 5.72 -0.22 3.02
C GLY A 493 4.34 -0.54 3.53
N GLY A 494 4.25 -0.99 4.77
CA GLY A 494 2.94 -1.26 5.35
C GLY A 494 2.99 -1.68 6.81
N VAL A 495 1.84 -1.58 7.46
CA VAL A 495 1.66 -2.09 8.79
C VAL A 495 0.35 -2.87 8.82
N ASP A 496 0.35 -4.00 9.51
CA ASP A 496 -0.85 -4.81 9.65
C ASP A 496 -0.89 -5.51 11.00
N THR A 497 -1.43 -4.82 12.00
CA THR A 497 -1.57 -5.37 13.36
C THR A 497 -2.95 -5.06 13.94
N THR A 498 -3.23 -5.62 15.12
CA THR A 498 -4.35 -5.19 15.94
C THR A 498 -3.83 -4.51 17.20
N ASN A 499 -2.56 -4.11 17.17
CA ASN A 499 -1.86 -3.50 18.29
C ASN A 499 -1.66 -2.00 18.08
N ASP A 500 -0.94 -1.35 19.00
CA ASP A 500 -0.81 0.10 19.00
C ASP A 500 0.51 0.58 18.42
N ILE A 501 0.53 1.85 18.02
CA ILE A 501 1.75 2.57 17.67
C ILE A 501 1.79 3.80 18.59
N SER A 502 2.92 4.01 19.27
CA SER A 502 3.04 5.09 20.24
C SER A 502 4.14 6.05 19.78
N LEU A 503 3.77 7.32 19.66
CA LEU A 503 4.70 8.35 19.22
C LEU A 503 4.79 9.42 20.29
N ARG A 504 6.02 9.82 20.60
CA ARG A 504 6.28 10.80 21.64
C ARG A 504 7.43 11.70 21.19
N ASN A 505 7.17 13.01 21.10
CA ASN A 505 8.17 14.02 20.70
C ASN A 505 8.84 13.70 19.38
N THR A 506 8.04 13.36 18.37
CA THR A 506 8.57 12.84 17.11
C THR A 506 7.73 13.24 15.88
N GLN A 507 8.14 12.79 14.71
CA GLN A 507 7.44 13.06 13.45
C GLN A 507 7.32 11.77 12.64
N LEU A 508 6.11 11.42 12.20
CA LEU A 508 5.88 10.18 11.45
C LEU A 508 5.07 10.45 10.19
N SER A 509 5.47 9.84 9.08
CA SER A 509 4.71 9.92 7.85
C SER A 509 4.34 8.52 7.38
N MET A 510 3.08 8.32 7.06
CA MET A 510 2.63 7.11 6.40
C MET A 510 2.29 7.49 4.98
N GLN A 511 2.61 6.59 4.06
CA GLN A 511 2.72 6.95 2.66
C GLN A 511 2.76 5.71 1.79
N GLY A 512 2.30 5.84 0.56
CA GLY A 512 2.53 4.82 -0.46
C GLY A 512 3.97 4.86 -0.96
N HIS A 513 4.29 3.93 -1.87
CA HIS A 513 5.64 3.77 -2.37
C HIS A 513 5.71 4.03 -3.87
N ALA A 514 6.60 4.92 -4.30
CA ALA A 514 6.86 5.09 -5.73
C ALA A 514 7.42 3.79 -6.27
N THR A 515 6.80 3.23 -7.31
CA THR A 515 7.27 1.99 -7.92
C THR A 515 8.68 2.19 -8.44
N GLU A 516 9.54 1.20 -8.20
CA GLU A 516 10.94 1.23 -8.61
C GLU A 516 11.07 0.81 -10.06
N HIS A 517 11.99 1.43 -10.77
CA HIS A 517 12.28 1.06 -12.15
C HIS A 517 13.78 0.79 -12.32
N ALA A 518 14.11 0.05 -13.37
CA ALA A 518 15.48 -0.11 -13.79
C ALA A 518 16.12 1.25 -14.08
N ILE A 519 17.42 1.35 -13.82
CA ILE A 519 18.20 2.53 -14.15
C ILE A 519 19.35 2.12 -15.07
N TYR A 520 19.94 3.08 -15.77
CA TYR A 520 20.99 2.78 -16.74
C TYR A 520 22.32 2.45 -16.07
N ARG A 521 22.69 3.27 -15.08
CA ARG A 521 23.95 3.15 -14.35
C ARG A 521 23.73 3.49 -12.89
N ASP A 522 24.31 2.70 -12.00
CA ASP A 522 24.20 2.94 -10.57
C ASP A 522 25.39 3.80 -10.14
N GLY A 523 25.19 5.11 -10.09
CA GLY A 523 26.29 6.02 -9.79
C GLY A 523 26.54 6.97 -10.95
N ALA A 524 27.22 8.06 -10.64
CA ALA A 524 27.53 9.09 -11.63
C ALA A 524 28.70 8.70 -12.54
N PHE A 525 28.91 9.52 -13.56
CA PHE A 525 29.99 9.32 -14.52
C PHE A 525 31.34 9.66 -13.89
N SER A 539 33.57 8.34 -22.41
CA SER A 539 32.43 9.26 -22.35
C SER A 539 31.09 8.55 -21.99
N ASP A 540 30.02 9.34 -21.85
CA ASP A 540 28.88 9.00 -20.97
C ASP A 540 27.70 8.31 -21.63
N TYR A 541 27.50 7.03 -21.34
CA TYR A 541 26.44 6.26 -22.00
C TYR A 541 25.04 6.61 -21.48
N VAL A 542 24.91 6.96 -20.21
CA VAL A 542 23.62 7.37 -19.66
C VAL A 542 23.12 8.61 -20.40
N ALA A 543 24.01 9.54 -20.70
CA ALA A 543 23.65 10.77 -21.42
C ALA A 543 23.24 10.44 -22.85
N GLY A 544 24.01 9.57 -23.50
CA GLY A 544 23.70 9.14 -24.86
C GLY A 544 22.34 8.49 -24.97
N MET A 545 22.07 7.53 -24.06
CA MET A 545 20.78 6.82 -24.05
C MET A 545 19.62 7.77 -23.85
N GLN A 546 19.82 8.72 -22.93
CA GLN A 546 18.83 9.76 -22.66
C GLN A 546 18.49 10.59 -23.90
N ASN A 547 19.53 11.00 -24.64
CA ASN A 547 19.37 11.75 -25.90
C ASN A 547 18.67 10.99 -27.04
N THR A 548 18.73 9.67 -27.01
CA THR A 548 18.06 8.85 -28.00
C THR A 548 16.54 8.93 -27.89
N GLU A 549 16.05 9.29 -26.71
CA GLU A 549 14.62 9.33 -26.47
C GLU A 549 14.17 10.72 -25.99
N ALA A 550 14.97 11.74 -26.23
CA ALA A 550 14.57 13.12 -25.92
C ALA A 550 13.34 13.52 -26.74
N ASP A 551 13.21 12.96 -27.95
CA ASP A 551 12.02 13.20 -28.78
C ASP A 551 10.74 12.69 -28.11
N ALA A 552 10.78 11.47 -27.58
CA ALA A 552 9.60 10.86 -26.99
C ALA A 552 9.24 11.57 -25.68
N VAL A 553 10.26 11.85 -24.86
CA VAL A 553 10.06 12.54 -23.59
C VAL A 553 9.48 13.94 -23.81
N LYS A 554 10.02 14.66 -24.79
CA LYS A 554 9.51 15.98 -25.17
C LYS A 554 8.03 15.96 -25.55
N GLN A 555 7.61 14.90 -26.25
CA GLN A 555 6.23 14.76 -26.72
C GLN A 555 5.28 14.38 -25.58
N ASN A 556 5.73 13.48 -24.70
CA ASN A 556 4.88 12.93 -23.65
C ASN A 556 5.05 13.57 -22.28
N GLY A 557 5.94 14.56 -22.16
CA GLY A 557 6.16 15.26 -20.89
C GLY A 557 6.41 14.34 -19.72
N ASN A 558 7.40 13.47 -19.87
CA ASN A 558 7.67 12.42 -18.90
C ASN A 558 9.17 12.19 -18.74
N ALA A 559 9.86 13.24 -18.29
CA ALA A 559 11.30 13.22 -18.09
C ALA A 559 11.73 12.23 -17.02
N TYR A 560 10.85 11.95 -16.06
CA TYR A 560 11.12 10.92 -15.04
C TYR A 560 11.48 9.55 -15.65
N LYS A 561 10.97 9.28 -16.85
CA LYS A 561 11.08 7.95 -17.46
C LYS A 561 12.50 7.61 -17.90
N THR A 562 13.31 8.63 -18.17
CA THR A 562 14.66 8.44 -18.69
C THR A 562 15.74 9.15 -17.86
N ASN A 563 15.39 9.59 -16.65
CA ASN A 563 16.30 10.38 -15.80
C ASN A 563 17.33 9.57 -15.00
N ASN A 564 17.42 8.27 -15.26
CA ASN A 564 18.37 7.41 -14.58
C ASN A 564 18.20 7.41 -13.06
N ALA A 565 16.94 7.51 -12.62
CA ALA A 565 16.60 7.46 -11.20
C ALA A 565 15.58 6.34 -11.03
N VAL A 566 15.72 5.57 -9.96
CA VAL A 566 14.84 4.42 -9.72
C VAL A 566 13.37 4.83 -9.67
N SER A 567 13.11 6.03 -9.14
CA SER A 567 11.77 6.59 -9.01
C SER A 567 11.87 8.10 -9.03
N ASP A 568 10.71 8.75 -9.08
CA ASP A 568 10.64 10.19 -9.20
C ASP A 568 9.33 10.74 -8.62
N LEU A 569 9.43 11.88 -7.95
CA LEU A 569 8.25 12.49 -7.34
C LEU A 569 7.13 12.73 -8.34
N SER A 570 7.47 12.90 -9.62
CA SER A 570 6.50 13.27 -10.65
C SER A 570 5.92 12.09 -11.42
N GLN A 571 6.34 10.88 -11.08
CA GLN A 571 5.88 9.70 -11.79
C GLN A 571 4.46 9.33 -11.32
N PRO A 572 3.63 8.75 -12.19
CA PRO A 572 2.25 8.42 -11.83
C PRO A 572 2.03 7.07 -11.11
N ASP A 573 3.00 6.17 -11.18
CA ASP A 573 2.83 4.80 -10.65
C ASP A 573 3.38 4.67 -9.22
N TRP A 574 2.46 4.60 -8.26
CA TRP A 574 2.79 4.39 -6.87
C TRP A 574 2.10 3.15 -6.38
N GLU A 575 2.62 2.56 -5.31
CA GLU A 575 2.03 1.40 -4.68
C GLU A 575 1.39 1.82 -3.36
N THR A 576 0.10 1.50 -3.19
CA THR A 576 -0.63 1.85 -1.98
C THR A 576 0.03 1.28 -0.72
N GLY A 577 0.16 2.10 0.31
CA GLY A 577 0.65 1.63 1.59
C GLY A 577 -0.56 1.45 2.48
N THR A 578 -0.86 0.20 2.82
CA THR A 578 -1.93 -0.08 3.74
C THR A 578 -1.34 -0.12 5.15
N PHE A 579 -1.88 0.74 6.03
CA PHE A 579 -1.44 0.82 7.41
C PHE A 579 -2.61 0.55 8.33
N ARG A 580 -2.67 -0.69 8.81
CA ARG A 580 -3.73 -1.15 9.68
C ARG A 580 -3.16 -1.42 11.07
N PHE A 581 -3.82 -0.87 12.10
CA PHE A 581 -3.35 -0.96 13.48
C PHE A 581 -4.52 -0.69 14.41
N GLY A 582 -4.32 -0.90 15.71
CA GLY A 582 -5.38 -0.70 16.71
C GLY A 582 -5.57 0.77 17.01
N THR A 583 -4.65 1.34 17.78
CA THR A 583 -4.64 2.78 18.03
C THR A 583 -3.26 3.39 17.82
N LEU A 584 -3.24 4.55 17.16
CA LEU A 584 -2.04 5.35 17.01
C LEU A 584 -2.06 6.45 18.06
N HIS A 585 -1.10 6.40 18.99
CA HIS A 585 -1.04 7.33 20.12
C HIS A 585 -0.05 8.44 19.81
N LEU A 586 -0.52 9.68 19.84
CA LEU A 586 0.27 10.85 19.50
C LEU A 586 0.42 11.75 20.72
N GLU A 587 1.65 11.89 21.21
CA GLU A 587 2.02 12.86 22.25
C GLU A 587 3.07 13.81 21.70
N ASN A 588 2.78 15.12 21.76
CA ASN A 588 3.64 16.18 21.20
C ASN A 588 4.36 15.76 19.92
N SER A 589 3.58 15.36 18.91
CA SER A 589 4.13 14.79 17.69
C SER A 589 3.41 15.26 16.44
N ASP A 590 4.09 15.06 15.30
CA ASP A 590 3.54 15.36 13.97
C ASP A 590 3.27 14.05 13.24
N PHE A 591 2.05 13.87 12.75
CA PHE A 591 1.68 12.66 12.03
C PHE A 591 1.11 13.08 10.70
N SER A 592 1.64 12.50 9.62
CA SER A 592 1.24 12.87 8.27
C SER A 592 0.93 11.65 7.45
N VAL A 593 -0.18 11.72 6.70
CA VAL A 593 -0.52 10.70 5.72
C VAL A 593 -0.35 11.32 4.34
N GLY A 594 0.66 10.89 3.62
CA GLY A 594 0.91 11.38 2.27
C GLY A 594 0.17 10.56 1.23
N ARG A 595 0.54 10.76 -0.03
CA ARG A 595 -0.17 10.16 -1.15
C ARG A 595 -0.20 8.65 -1.13
N ASN A 596 -1.27 8.11 -1.70
CA ASN A 596 -1.45 6.68 -1.91
C ASN A 596 -1.32 5.83 -0.65
N ALA A 597 -1.89 6.35 0.44
CA ALA A 597 -1.99 5.58 1.68
C ALA A 597 -3.43 5.09 1.89
N ASN A 598 -3.56 4.01 2.64
CA ASN A 598 -4.84 3.53 3.13
C ASN A 598 -4.68 3.23 4.62
N VAL A 599 -4.85 4.25 5.44
CA VAL A 599 -4.64 4.16 6.88
C VAL A 599 -5.96 3.75 7.53
N ILE A 600 -5.92 2.65 8.29
CA ILE A 600 -7.10 2.07 8.89
C ILE A 600 -6.85 1.84 10.39
N GLY A 601 -7.33 2.75 11.23
CA GLY A 601 -7.14 2.62 12.67
C GLY A 601 -7.60 3.85 13.41
N ASP A 602 -7.57 3.78 14.74
CA ASP A 602 -7.93 4.93 15.57
C ASP A 602 -6.69 5.75 15.90
N ILE A 603 -6.91 7.05 16.16
CA ILE A 603 -5.86 7.97 16.59
C ILE A 603 -6.25 8.59 17.94
N GLN A 604 -5.30 8.62 18.87
CA GLN A 604 -5.44 9.36 20.11
C GLN A 604 -4.31 10.35 20.15
N ALA A 605 -4.64 11.63 20.09
CA ALA A 605 -3.68 12.72 19.90
C ALA A 605 -3.73 13.70 21.05
N SER A 606 -2.55 14.09 21.51
CA SER A 606 -2.40 15.10 22.54
C SER A 606 -1.26 16.03 22.13
N LYS A 607 -1.55 17.33 22.07
CA LYS A 607 -0.57 18.35 21.71
C LYS A 607 0.14 17.99 20.40
N SER A 608 -0.64 17.58 19.41
CA SER A 608 -0.13 16.96 18.21
C SER A 608 -0.74 17.54 16.96
N ASN A 609 -0.04 17.35 15.84
CA ASN A 609 -0.49 17.85 14.56
C ASN A 609 -0.76 16.68 13.62
N ILE A 610 -1.99 16.58 13.13
CA ILE A 610 -2.37 15.50 12.23
C ILE A 610 -2.67 16.10 10.87
N THR A 611 -2.02 15.60 9.83
CA THR A 611 -2.26 16.04 8.46
C THR A 611 -2.62 14.85 7.59
N ILE A 612 -3.86 14.81 7.10
CA ILE A 612 -4.29 13.81 6.12
C ILE A 612 -4.31 14.45 4.74
N GLY A 613 -3.45 13.97 3.84
CA GLY A 613 -3.34 14.53 2.48
C GLY A 613 -2.15 15.46 2.26
N ASP A 614 -1.09 15.22 3.02
CA ASP A 614 0.17 15.94 2.88
C ASP A 614 0.65 15.86 1.43
N THR A 615 0.97 17.02 0.85
CA THR A 615 1.44 17.10 -0.54
C THR A 615 2.92 16.74 -0.66
N THR A 616 3.64 16.75 0.47
CA THR A 616 5.03 16.31 0.50
C THR A 616 5.08 14.78 0.52
N ALA A 617 5.83 14.22 -0.42
CA ALA A 617 6.10 12.79 -0.43
C ALA A 617 7.60 12.57 -0.44
N TYR A 618 7.99 11.34 -0.12
CA TYR A 618 9.38 10.96 0.06
C TYR A 618 9.67 9.76 -0.84
N ILE A 619 10.79 9.82 -1.54
CA ILE A 619 11.27 8.65 -2.30
C ILE A 619 12.76 8.45 -2.01
N ASP A 620 13.18 7.21 -2.15
CA ASP A 620 14.53 6.77 -1.86
C ASP A 620 15.21 6.46 -3.19
N LEU A 621 16.21 7.24 -3.57
CA LEU A 621 16.89 7.01 -4.84
C LEU A 621 17.67 5.67 -4.88
N HIS A 622 17.81 5.01 -3.72
CA HIS A 622 18.39 3.67 -3.65
C HIS A 622 17.36 2.59 -3.32
N ALA A 623 16.06 2.91 -3.45
CA ALA A 623 15.00 1.92 -3.28
C ALA A 623 15.30 0.66 -4.11
N GLY A 624 15.24 -0.49 -3.47
CA GLY A 624 15.53 -1.75 -4.15
C GLY A 624 17.01 -2.09 -4.23
N LYS A 625 17.89 -1.10 -4.08
CA LYS A 625 19.33 -1.33 -4.12
C LYS A 625 19.99 -0.69 -2.91
N ASN A 626 19.35 -0.85 -1.74
CA ASN A 626 19.86 -0.29 -0.48
C ASN A 626 21.01 -1.08 0.14
N ILE A 627 21.06 -2.38 -0.11
CA ILE A 627 22.07 -3.22 0.53
C ILE A 627 23.40 -3.18 -0.23
N THR A 628 24.47 -2.82 0.47
CA THR A 628 25.75 -2.55 -0.18
C THR A 628 26.77 -3.65 0.10
N GLY A 629 27.87 -3.63 -0.66
CA GLY A 629 28.99 -4.53 -0.48
C GLY A 629 28.66 -6.01 -0.61
N ASP A 630 29.08 -6.77 0.39
CA ASP A 630 28.89 -8.20 0.41
C ASP A 630 27.52 -8.59 1.00
N GLY A 631 26.72 -7.58 1.38
CA GLY A 631 25.40 -7.81 1.93
C GLY A 631 25.13 -7.24 3.32
N PHE A 632 26.10 -6.52 3.90
CA PHE A 632 25.99 -6.06 5.29
C PHE A 632 26.23 -4.57 5.49
N GLY A 633 25.82 -3.77 4.52
CA GLY A 633 25.80 -2.31 4.64
C GLY A 633 24.49 -1.80 4.06
N PHE A 634 24.16 -0.56 4.38
CA PHE A 634 22.88 0.04 4.01
C PHE A 634 23.11 1.46 3.55
N ARG A 635 22.50 1.83 2.45
CA ARG A 635 22.58 3.17 1.91
C ARG A 635 21.14 3.62 1.63
N GLN A 636 20.93 4.94 1.66
CA GLN A 636 19.62 5.52 1.44
C GLN A 636 19.79 6.99 1.11
N ASN A 637 19.08 7.46 0.09
CA ASN A 637 19.18 8.83 -0.34
C ASN A 637 17.78 9.38 -0.51
N ILE A 638 17.30 10.09 0.52
CA ILE A 638 15.92 10.59 0.51
C ILE A 638 15.79 11.83 -0.34
N VAL A 639 14.79 11.85 -1.21
CA VAL A 639 14.42 13.06 -1.93
C VAL A 639 12.98 13.36 -1.57
N ARG A 640 12.70 14.63 -1.33
CA ARG A 640 11.36 15.07 -0.97
C ARG A 640 10.92 16.28 -1.78
N GLY A 641 9.60 16.40 -1.91
CA GLY A 641 9.02 17.47 -2.69
C GLY A 641 7.53 17.27 -2.88
N ASN A 642 6.92 18.18 -3.62
CA ASN A 642 5.51 18.14 -3.90
C ASN A 642 5.14 16.93 -4.75
N SER A 643 4.17 16.15 -4.30
CA SER A 643 3.68 15.00 -5.03
C SER A 643 2.33 14.67 -4.45
N GLN A 644 1.29 15.18 -5.10
CA GLN A 644 -0.08 15.02 -4.62
C GLN A 644 -0.70 13.76 -5.21
N GLY A 645 -1.56 13.12 -4.43
CA GLY A 645 -2.33 11.97 -4.90
C GLY A 645 -3.41 11.62 -3.90
N GLU A 646 -4.41 10.88 -4.35
CA GLU A 646 -5.52 10.49 -3.47
C GLU A 646 -5.00 9.70 -2.30
N THR A 647 -5.62 9.88 -1.14
CA THR A 647 -5.25 9.12 0.04
C THR A 647 -6.43 8.96 1.02
N LEU A 648 -6.37 7.91 1.85
CA LEU A 648 -7.50 7.55 2.71
C LEU A 648 -7.13 7.36 4.18
N PHE A 649 -7.96 7.88 5.06
CA PHE A 649 -7.93 7.51 6.46
C PHE A 649 -9.28 6.96 6.81
N THR A 650 -9.32 5.94 7.66
CA THR A 650 -10.59 5.36 8.12
C THR A 650 -10.51 4.93 9.59
N GLY A 651 -11.34 5.54 10.43
CA GLY A 651 -11.37 5.22 11.86
C GLY A 651 -11.82 6.39 12.69
N GLY A 652 -11.45 6.38 13.98
CA GLY A 652 -11.85 7.43 14.89
C GLY A 652 -10.68 8.30 15.29
N ILE A 653 -10.99 9.47 15.83
CA ILE A 653 -9.96 10.36 16.36
C ILE A 653 -10.40 10.96 17.67
N THR A 654 -9.50 10.92 18.65
CA THR A 654 -9.68 11.64 19.91
C THR A 654 -8.48 12.56 20.02
N ALA A 655 -8.74 13.88 20.07
CA ALA A 655 -7.67 14.87 20.00
C ALA A 655 -7.82 15.92 21.09
N GLU A 656 -6.70 16.22 21.74
CA GLU A 656 -6.62 17.27 22.75
C GLU A 656 -5.50 18.23 22.36
N ASP A 657 -5.82 19.54 22.39
CA ASP A 657 -4.82 20.58 22.17
C ASP A 657 -4.00 20.31 20.93
N SER A 658 -4.68 19.82 19.90
CA SER A 658 -4.04 19.35 18.69
C SER A 658 -4.56 20.16 17.51
N THR A 659 -3.97 19.94 16.33
CA THR A 659 -4.55 20.46 15.09
C THR A 659 -4.67 19.32 14.08
N ILE A 660 -5.78 19.33 13.33
CA ILE A 660 -6.07 18.33 12.32
C ILE A 660 -6.33 19.07 11.02
N VAL A 661 -5.66 18.66 9.94
CA VAL A 661 -5.96 19.21 8.62
C VAL A 661 -6.22 18.08 7.64
N ILE A 662 -7.34 18.15 6.94
CA ILE A 662 -7.63 17.20 5.87
C ILE A 662 -7.56 17.98 4.56
N LYS A 663 -6.66 17.55 3.66
CA LYS A 663 -6.27 18.35 2.51
C LYS A 663 -6.80 17.77 1.21
N ASP A 664 -6.53 18.49 0.12
CA ASP A 664 -6.99 18.17 -1.22
C ASP A 664 -6.65 16.73 -1.61
N LYS A 665 -7.63 16.09 -2.27
CA LYS A 665 -7.55 14.68 -2.71
C LYS A 665 -7.64 13.64 -1.60
N ALA A 666 -7.67 14.07 -0.34
CA ALA A 666 -7.73 13.14 0.79
C ALA A 666 -9.19 12.83 1.13
N LYS A 667 -9.48 11.57 1.44
CA LYS A 667 -10.81 11.15 1.91
C LYS A 667 -10.68 10.58 3.30
N ALA A 668 -11.39 11.14 4.25
CA ALA A 668 -11.37 10.66 5.62
C ALA A 668 -12.75 10.12 5.95
N LEU A 669 -12.85 8.82 6.21
CA LEU A 669 -14.10 8.24 6.68
C LEU A 669 -14.04 8.00 8.19
N PHE A 670 -14.67 8.87 8.97
CA PHE A 670 -14.67 8.73 10.41
C PHE A 670 -15.76 7.72 10.80
N SER A 671 -15.39 6.44 10.77
CA SER A 671 -16.30 5.35 11.06
C SER A 671 -16.37 5.07 12.56
N ASN A 672 -15.54 5.77 13.34
CA ASN A 672 -15.69 5.79 14.79
C ASN A 672 -15.79 7.23 15.31
N TYR A 673 -16.03 7.37 16.61
CA TYR A 673 -16.31 8.67 17.23
C TYR A 673 -15.14 9.63 17.02
N VAL A 674 -15.46 10.89 16.75
CA VAL A 674 -14.48 11.96 16.70
C VAL A 674 -14.69 12.89 17.90
N TYR A 675 -13.63 13.13 18.65
CA TYR A 675 -13.67 13.94 19.87
C TYR A 675 -12.57 14.99 19.77
N LEU A 676 -12.96 16.24 19.59
CA LEU A 676 -12.02 17.34 19.37
C LEU A 676 -12.04 18.29 20.55
N LEU A 677 -11.09 18.11 21.48
CA LEU A 677 -11.00 18.90 22.70
C LEU A 677 -9.97 20.00 22.50
N ASN A 678 -10.44 21.25 22.41
CA ASN A 678 -9.59 22.41 22.15
C ASN A 678 -8.61 22.14 21.00
N THR A 679 -9.17 21.63 19.90
CA THR A 679 -8.39 21.25 18.75
C THR A 679 -8.89 22.03 17.54
N LYS A 680 -7.96 22.59 16.78
CA LYS A 680 -8.27 23.27 15.54
C LYS A 680 -8.40 22.26 14.41
N ALA A 681 -9.59 22.17 13.80
CA ALA A 681 -9.86 21.25 12.69
C ALA A 681 -10.18 22.03 11.42
N THR A 682 -9.53 21.65 10.33
CA THR A 682 -9.73 22.28 9.04
C THR A 682 -9.87 21.22 7.94
N ILE A 683 -10.93 21.33 7.15
CA ILE A 683 -11.13 20.50 5.97
C ILE A 683 -10.98 21.45 4.77
N GLU A 684 -9.93 21.25 3.98
CA GLU A 684 -9.58 22.21 2.92
C GLU A 684 -10.28 21.91 1.60
N ASN A 685 -10.20 22.84 0.66
CA ASN A 685 -10.77 22.64 -0.69
C ASN A 685 -10.30 21.32 -1.27
N GLY A 686 -11.25 20.54 -1.78
CA GLY A 686 -10.94 19.25 -2.40
C GLY A 686 -10.81 18.10 -1.42
N ALA A 687 -10.83 18.38 -0.12
CA ALA A 687 -10.80 17.34 0.89
C ALA A 687 -12.24 16.89 1.11
N ASP A 688 -12.40 15.61 1.44
CA ASP A 688 -13.72 15.01 1.62
C ASP A 688 -13.77 14.23 2.93
N VAL A 689 -14.62 14.68 3.85
CA VAL A 689 -14.77 14.03 5.16
C VAL A 689 -16.21 13.55 5.34
N THR A 690 -16.35 12.27 5.68
CA THR A 690 -17.64 11.74 6.08
C THR A 690 -17.50 11.20 7.49
N THR A 691 -18.31 11.73 8.40
CA THR A 691 -18.35 11.25 9.79
C THR A 691 -19.71 10.60 10.03
N GLN A 692 -19.71 9.36 10.51
CA GLN A 692 -20.95 8.59 10.61
C GLN A 692 -21.21 7.99 11.99
N SER A 693 -20.28 8.16 12.93
CA SER A 693 -20.38 7.53 14.25
C SER A 693 -20.41 8.56 15.39
N GLY A 694 -20.66 9.82 15.03
CA GLY A 694 -20.81 10.89 16.01
C GLY A 694 -19.58 11.75 16.18
N MET A 695 -19.82 12.96 16.68
CA MET A 695 -18.76 13.91 16.99
C MET A 695 -19.07 14.71 18.23
N PHE A 696 -18.00 15.13 18.90
CA PHE A 696 -18.02 16.25 19.82
C PHE A 696 -16.87 17.19 19.43
N SER A 697 -17.16 18.48 19.40
CA SER A 697 -16.12 19.50 19.23
C SER A 697 -16.36 20.68 20.16
N THR A 698 -15.29 21.15 20.81
CA THR A 698 -15.34 22.35 21.66
C THR A 698 -14.98 23.61 20.86
N SER A 699 -14.23 23.43 19.77
CA SER A 699 -13.75 24.55 18.96
C SER A 699 -14.28 24.51 17.52
N ASP A 700 -14.00 25.58 16.78
CA ASP A 700 -14.51 25.78 15.44
C ASP A 700 -13.96 24.76 14.48
N ILE A 701 -14.82 24.26 13.59
CA ILE A 701 -14.39 23.42 12.47
C ILE A 701 -14.50 24.27 11.20
N SER A 702 -13.37 24.52 10.54
CA SER A 702 -13.39 25.28 9.28
C SER A 702 -13.51 24.33 8.11
N ILE A 703 -14.51 24.56 7.27
CA ILE A 703 -14.80 23.67 6.15
C ILE A 703 -14.76 24.43 4.84
N SER A 704 -13.72 24.21 4.06
CA SER A 704 -13.62 24.74 2.69
C SER A 704 -13.94 23.65 1.65
N GLY A 705 -13.83 22.39 2.06
CA GLY A 705 -14.20 21.26 1.21
C GLY A 705 -15.55 20.66 1.60
N ASN A 706 -15.58 19.35 1.81
CA ASN A 706 -16.82 18.63 2.04
C ASN A 706 -16.89 17.95 3.41
N LEU A 707 -17.84 18.38 4.24
CA LEU A 707 -18.13 17.68 5.49
C LEU A 707 -19.53 17.08 5.42
N SER A 708 -19.61 15.77 5.55
CA SER A 708 -20.89 15.06 5.52
C SER A 708 -21.11 14.32 6.83
N MET A 709 -22.21 14.65 7.50
CA MET A 709 -22.53 14.06 8.80
C MET A 709 -23.77 13.19 8.66
N THR A 710 -23.61 11.88 8.90
CA THR A 710 -24.69 10.92 8.75
C THR A 710 -24.82 10.02 10.00
N GLY A 711 -25.95 9.33 10.09
CA GLY A 711 -26.13 8.26 11.07
C GLY A 711 -25.22 7.08 10.76
N ASN A 712 -25.18 6.14 11.68
CA ASN A 712 -24.25 5.01 11.61
C ASN A 712 -24.87 3.85 10.81
N PRO A 713 -24.31 3.53 9.61
CA PRO A 713 -24.89 2.45 8.82
C PRO A 713 -24.66 1.12 9.50
N ASP A 714 -25.74 0.38 9.74
CA ASP A 714 -25.65 -0.92 10.40
C ASP A 714 -25.42 -2.02 9.35
N LYS A 715 -25.51 -3.29 9.76
CA LYS A 715 -25.28 -4.40 8.84
C LYS A 715 -26.41 -4.57 7.81
N ASP A 716 -27.61 -4.07 8.15
CA ASP A 716 -28.81 -4.28 7.33
C ASP A 716 -29.31 -3.04 6.55
N ASN A 717 -28.42 -2.30 5.89
CA ASN A 717 -28.85 -1.20 5.00
C ASN A 717 -29.63 -0.05 5.69
N LYS A 718 -29.50 0.06 7.01
CA LYS A 718 -30.23 1.05 7.81
C LYS A 718 -29.27 1.87 8.66
N PHE A 719 -29.81 2.85 9.39
CA PHE A 719 -28.98 3.82 10.12
C PHE A 719 -29.34 3.96 11.60
N GLU A 720 -28.33 3.83 12.46
CA GLU A 720 -28.45 4.21 13.88
C GLU A 720 -28.24 5.71 13.96
N PRO A 721 -29.12 6.42 14.68
CA PRO A 721 -28.92 7.85 14.85
C PRO A 721 -27.55 8.19 15.43
N SER A 722 -26.95 9.25 14.91
CA SER A 722 -25.65 9.74 15.37
C SER A 722 -25.76 11.22 15.73
N ILE A 723 -25.02 11.63 16.76
CA ILE A 723 -25.11 12.97 17.32
C ILE A 723 -23.85 13.76 17.00
N TYR A 724 -24.02 14.93 16.38
CA TYR A 724 -22.92 15.81 16.04
C TYR A 724 -23.01 17.12 16.83
N LEU A 725 -22.24 17.18 17.92
CA LEU A 725 -22.36 18.21 18.91
C LEU A 725 -21.16 19.14 18.82
N ASN A 726 -21.40 20.35 18.29
CA ASN A 726 -20.38 21.37 18.25
C ASN A 726 -20.78 22.50 19.22
N ASP A 727 -20.01 22.67 20.28
CA ASP A 727 -20.20 23.78 21.22
C ASP A 727 -19.69 25.11 20.67
N ALA A 728 -18.86 25.05 19.63
CA ALA A 728 -18.45 26.23 18.86
C ALA A 728 -19.23 26.26 17.53
N SER A 729 -18.58 26.66 16.43
CA SER A 729 -19.28 26.89 15.16
C SER A 729 -18.74 26.07 14.01
N TYR A 730 -19.61 25.78 13.06
CA TYR A 730 -19.22 25.22 11.77
C TYR A 730 -18.98 26.41 10.85
N LEU A 731 -17.74 26.62 10.43
CA LEU A 731 -17.38 27.78 9.65
C LEU A 731 -17.14 27.34 8.21
N LEU A 732 -17.96 27.82 7.28
CA LEU A 732 -17.84 27.44 5.90
C LEU A 732 -16.99 28.51 5.22
N THR A 733 -15.76 28.14 4.86
CA THR A 733 -14.68 29.09 4.57
C THR A 733 -14.36 29.24 3.09
N ASP A 734 -15.20 28.65 2.24
CA ASP A 734 -15.01 28.77 0.80
C ASP A 734 -16.34 28.72 0.05
N ASP A 735 -16.41 29.43 -1.07
CA ASP A 735 -17.54 29.38 -2.01
C ASP A 735 -17.90 27.95 -2.40
N SER A 736 -16.89 27.07 -2.44
CA SER A 736 -17.06 25.68 -2.84
C SER A 736 -17.39 24.73 -1.69
N ALA A 737 -17.55 25.26 -0.47
CA ALA A 737 -17.80 24.41 0.70
C ALA A 737 -19.17 23.75 0.63
N ARG A 738 -19.27 22.53 1.17
CA ARG A 738 -20.53 21.78 1.17
C ARG A 738 -20.69 21.10 2.53
N LEU A 739 -21.69 21.53 3.30
CA LEU A 739 -22.02 20.91 4.60
C LEU A 739 -23.25 20.07 4.39
N VAL A 740 -23.14 18.78 4.68
CA VAL A 740 -24.20 17.84 4.42
C VAL A 740 -24.50 17.08 5.69
N ALA A 741 -25.79 16.91 5.98
CA ALA A 741 -26.23 16.05 7.04
C ALA A 741 -27.41 15.26 6.49
N LYS A 742 -27.40 13.94 6.69
CA LYS A 742 -28.49 13.11 6.22
C LYS A 742 -28.49 11.75 6.90
N ASN A 743 -29.53 10.98 6.62
CA ASN A 743 -29.62 9.59 7.07
C ASN A 743 -29.44 9.44 8.56
N LYS A 744 -30.39 10.01 9.30
CA LYS A 744 -30.52 9.83 10.75
C LYS A 744 -29.39 10.50 11.55
N ALA A 745 -29.26 11.79 11.33
CA ALA A 745 -28.20 12.56 11.99
C ALA A 745 -28.81 13.71 12.79
N SER A 746 -28.36 13.84 14.04
CA SER A 746 -28.75 14.96 14.89
C SER A 746 -27.54 15.87 15.08
N VAL A 747 -27.63 17.08 14.50
CA VAL A 747 -26.53 18.05 14.49
C VAL A 747 -26.85 19.22 15.41
N VAL A 748 -25.84 19.69 16.14
CA VAL A 748 -25.98 20.84 17.02
C VAL A 748 -24.78 21.73 16.80
N GLY A 749 -25.01 23.04 16.66
CA GLY A 749 -23.93 24.01 16.54
C GLY A 749 -24.13 24.99 15.40
N ASP A 750 -23.83 26.26 15.67
CA ASP A 750 -24.10 27.34 14.73
C ASP A 750 -23.26 27.22 13.47
N ILE A 751 -23.82 27.69 12.36
CA ILE A 751 -23.10 27.75 11.09
C ILE A 751 -22.89 29.22 10.74
N HIS A 752 -21.65 29.57 10.42
CA HIS A 752 -21.30 30.91 9.92
CA HIS A 752 -21.30 30.90 9.94
C HIS A 752 -20.58 30.79 8.59
N SER A 753 -20.87 31.72 7.68
CA SER A 753 -20.19 31.78 6.40
C SER A 753 -20.31 33.15 5.78
N THR A 754 -19.16 33.63 5.30
CA THR A 754 -19.06 34.86 4.53
C THR A 754 -19.27 34.59 3.03
N LYS A 755 -19.34 33.31 2.70
CA LYS A 755 -19.21 32.86 1.32
C LYS A 755 -20.45 32.15 0.81
N SER A 756 -20.45 31.83 -0.48
CA SER A 756 -21.61 31.22 -1.12
C SER A 756 -21.54 29.69 -1.04
N ALA A 757 -21.31 29.16 0.16
CA ALA A 757 -21.27 27.71 0.39
C ALA A 757 -22.67 27.10 0.30
N SER A 758 -22.74 25.78 0.36
CA SER A 758 -23.99 25.04 0.28
C SER A 758 -24.22 24.26 1.56
N ILE A 759 -25.47 24.24 2.00
CA ILE A 759 -25.88 23.42 3.13
C ILE A 759 -26.97 22.51 2.63
N MET A 760 -26.88 21.22 2.94
CA MET A 760 -27.88 20.25 2.50
C MET A 760 -28.25 19.31 3.65
N PHE A 761 -29.43 19.50 4.21
CA PHE A 761 -29.91 18.65 5.30
C PHE A 761 -30.96 17.68 4.77
N GLY A 762 -30.88 16.45 5.26
CA GLY A 762 -31.83 15.40 4.92
C GLY A 762 -31.50 14.64 3.65
N HIS A 763 -32.03 13.43 3.55
CA HIS A 763 -31.92 12.66 2.31
C HIS A 763 -32.70 13.35 1.20
N ASP A 764 -32.44 12.92 -0.04
CA ASP A 764 -33.17 13.46 -1.19
C ASP A 764 -34.64 13.05 -1.13
N GLU A 765 -35.54 13.97 -1.48
CA GLU A 765 -37.01 13.73 -1.46
C GLU A 765 -37.48 12.30 -1.80
N SER A 766 -36.92 11.71 -2.85
CA SER A 766 -37.32 10.37 -3.31
C SER A 766 -36.67 9.24 -2.50
N ASP A 767 -35.52 9.55 -1.89
CA ASP A 767 -34.57 8.55 -1.44
C ASP A 767 -34.60 8.41 0.10
N LEU A 768 -35.55 7.61 0.58
CA LEU A 768 -35.80 7.43 2.03
C LEU A 768 -34.83 6.43 2.69
N SER A 769 -34.59 6.65 3.99
CA SER A 769 -33.75 5.79 4.82
C SER A 769 -34.47 5.37 6.11
N GLN A 770 -34.15 4.18 6.60
CA GLN A 770 -34.86 3.59 7.74
C GLN A 770 -33.99 3.51 9.00
N LEU A 771 -34.65 3.39 10.15
CA LEU A 771 -34.01 3.27 11.45
C LEU A 771 -33.49 1.85 11.69
N SER A 772 -32.30 1.76 12.27
CA SER A 772 -31.73 0.48 12.68
C SER A 772 -32.60 -0.17 13.76
N ASP A 773 -32.70 -1.50 13.73
CA ASP A 773 -33.46 -2.20 14.78
C ASP A 773 -32.71 -2.13 16.12
N ARG A 774 -31.44 -1.73 16.03
CA ARG A 774 -30.63 -1.46 17.21
C ARG A 774 -31.19 -0.31 18.04
N THR A 775 -31.84 0.64 17.37
CA THR A 775 -32.29 1.88 17.98
C THR A 775 -33.74 1.75 18.43
N SER A 776 -34.00 2.03 19.71
CA SER A 776 -35.37 2.03 20.21
C SER A 776 -36.08 3.28 19.67
N LYS A 777 -37.39 3.17 19.47
CA LYS A 777 -38.18 4.27 18.93
C LYS A 777 -38.20 5.50 19.86
N GLY A 778 -38.05 5.27 21.16
CA GLY A 778 -37.92 6.35 22.13
C GLY A 778 -36.71 7.22 21.85
N LEU A 779 -35.54 6.58 21.76
CA LEU A 779 -34.31 7.29 21.42
C LEU A 779 -34.43 8.04 20.09
N ALA A 780 -35.04 7.41 19.09
CA ALA A 780 -35.22 8.01 17.78
C ALA A 780 -36.03 9.30 17.84
N LEU A 781 -37.20 9.25 18.47
CA LEU A 781 -38.02 10.44 18.68
C LEU A 781 -37.22 11.50 19.41
N GLY A 782 -36.46 11.06 20.41
CA GLY A 782 -35.66 11.94 21.24
C GLY A 782 -34.70 12.81 20.45
N LEU A 783 -33.89 12.18 19.62
CA LEU A 783 -32.83 12.88 18.91
C LEU A 783 -33.29 13.50 17.58
N LEU A 784 -34.35 12.98 16.99
CA LEU A 784 -34.74 13.35 15.62
C LEU A 784 -36.16 13.92 15.45
N GLY A 785 -37.00 13.78 16.46
CA GLY A 785 -38.38 14.28 16.38
C GLY A 785 -39.21 13.68 15.25
N GLY A 786 -38.80 12.51 14.76
CA GLY A 786 -39.49 11.83 13.66
C GLY A 786 -38.95 12.16 12.27
N PHE A 787 -37.97 13.06 12.20
CA PHE A 787 -37.39 13.48 10.95
C PHE A 787 -36.12 12.69 10.66
N ASP A 788 -35.59 12.86 9.45
CA ASP A 788 -34.32 12.25 9.04
C ASP A 788 -33.13 12.97 9.68
N VAL A 789 -33.23 14.28 9.78
CA VAL A 789 -32.18 15.10 10.37
C VAL A 789 -32.77 16.12 11.34
N SER A 790 -32.07 16.30 12.46
CA SER A 790 -32.31 17.43 13.36
C SER A 790 -31.13 18.36 13.24
N TYR A 791 -31.40 19.65 13.09
CA TYR A 791 -30.35 20.66 13.17
C TYR A 791 -30.73 21.73 14.18
N ARG A 792 -29.89 21.89 15.20
CA ARG A 792 -30.11 22.85 16.27
C ARG A 792 -29.00 23.91 16.26
N GLY A 793 -29.38 25.17 16.06
CA GLY A 793 -28.42 26.26 15.95
C GLY A 793 -28.94 27.38 15.05
N SER A 794 -28.16 28.46 14.96
CA SER A 794 -28.44 29.55 14.03
C SER A 794 -27.55 29.42 12.80
N VAL A 795 -28.02 29.92 11.67
CA VAL A 795 -27.24 29.91 10.43
C VAL A 795 -27.12 31.35 9.95
N ASN A 796 -25.91 31.89 10.00
CA ASN A 796 -25.63 33.21 9.48
C ASN A 796 -24.69 33.10 8.30
N ALA A 797 -25.30 32.84 7.14
CA ALA A 797 -24.59 32.68 5.88
C ALA A 797 -25.39 33.41 4.80
N PRO A 798 -25.35 34.75 4.82
CA PRO A 798 -26.21 35.55 3.93
C PRO A 798 -25.98 35.33 2.43
N SER A 799 -24.85 34.75 2.05
CA SER A 799 -24.57 34.45 0.65
C SER A 799 -24.76 32.96 0.32
N ALA A 800 -25.06 32.15 1.34
CA ALA A 800 -25.12 30.70 1.17
C ALA A 800 -26.51 30.19 0.79
N SER A 801 -26.51 28.98 0.20
CA SER A 801 -27.73 28.27 -0.14
C SER A 801 -27.92 27.14 0.87
N ALA A 802 -29.16 26.92 1.29
CA ALA A 802 -29.47 25.81 2.16
C ALA A 802 -30.62 25.02 1.57
N THR A 803 -30.46 23.71 1.58
CA THR A 803 -31.51 22.79 1.19
C THR A 803 -31.85 21.90 2.38
N MET A 804 -33.15 21.80 2.68
CA MET A 804 -33.60 21.00 3.81
C MET A 804 -34.81 20.16 3.42
N ASN A 805 -34.64 18.85 3.45
CA ASN A 805 -35.74 17.93 3.24
C ASN A 805 -35.86 16.99 4.43
N ASN A 806 -37.10 16.72 4.84
CA ASN A 806 -37.34 15.84 5.99
C ASN A 806 -36.44 16.22 7.17
N THR A 807 -36.42 17.52 7.46
CA THR A 807 -35.52 18.08 8.46
C THR A 807 -36.25 18.88 9.51
N TRP A 808 -35.79 18.75 10.75
CA TRP A 808 -36.26 19.52 11.89
C TRP A 808 -35.20 20.55 12.19
N TRP A 809 -35.46 21.79 11.82
CA TRP A 809 -34.54 22.88 12.13
C TRP A 809 -34.99 23.53 13.44
N GLN A 810 -34.25 23.24 14.51
CA GLN A 810 -34.42 23.94 15.77
C GLN A 810 -33.62 25.24 15.69
N LEU A 811 -34.30 26.30 15.25
CA LEU A 811 -33.68 27.59 14.99
C LEU A 811 -33.62 28.35 16.32
N THR A 812 -32.40 28.51 16.84
CA THR A 812 -32.19 28.99 18.20
C THR A 812 -31.62 30.41 18.27
N GLY A 813 -31.45 31.05 17.12
CA GLY A 813 -30.95 32.42 17.05
C GLY A 813 -31.16 33.05 15.69
N ASP A 814 -31.01 34.37 15.62
CA ASP A 814 -31.18 35.13 14.37
C ASP A 814 -30.36 34.50 13.25
N SER A 815 -31.02 34.28 12.11
CA SER A 815 -30.45 33.52 11.01
C SER A 815 -30.62 34.24 9.68
N ALA A 816 -29.72 33.92 8.74
CA ALA A 816 -29.68 34.59 7.43
C ALA A 816 -29.09 33.68 6.35
N LEU A 817 -29.85 33.47 5.29
CA LEU A 817 -29.41 32.71 4.12
C LEU A 817 -29.71 33.54 2.87
N LYS A 818 -29.01 33.27 1.77
CA LYS A 818 -29.40 33.80 0.49
C LYS A 818 -30.64 33.07 0.01
N THR A 819 -30.53 31.75 -0.19
CA THR A 819 -31.68 30.95 -0.62
C THR A 819 -31.89 29.80 0.35
N LEU A 820 -33.15 29.49 0.62
CA LEU A 820 -33.51 28.33 1.44
C LEU A 820 -34.65 27.58 0.74
N LYS A 821 -34.52 26.25 0.70
CA LYS A 821 -35.58 25.37 0.18
C LYS A 821 -35.95 24.35 1.26
N SER A 822 -37.20 24.39 1.71
CA SER A 822 -37.67 23.47 2.75
C SER A 822 -38.83 22.64 2.23
N THR A 823 -38.56 21.35 2.06
CA THR A 823 -39.58 20.39 1.69
C THR A 823 -39.74 19.39 2.84
N ASN A 824 -40.99 19.11 3.20
CA ASN A 824 -41.30 18.18 4.29
C ASN A 824 -40.44 18.42 5.55
N SER A 825 -40.29 19.69 5.93
CA SER A 825 -39.44 20.07 7.05
C SER A 825 -40.23 20.91 8.05
N MET A 826 -39.68 21.06 9.26
CA MET A 826 -40.23 21.98 10.24
C MET A 826 -39.16 22.97 10.70
N VAL A 827 -39.38 24.25 10.45
CA VAL A 827 -38.55 25.28 11.04
C VAL A 827 -39.22 25.67 12.37
N TYR A 828 -38.56 25.28 13.45
CA TYR A 828 -39.09 25.35 14.81
C TYR A 828 -38.27 26.38 15.60
N PHE A 829 -38.82 27.59 15.72
CA PHE A 829 -38.16 28.66 16.45
C PHE A 829 -38.21 28.35 17.94
N THR A 830 -37.03 28.25 18.56
CA THR A 830 -36.96 27.85 19.96
C THR A 830 -35.76 28.48 20.66
N ASP A 831 -35.61 28.16 21.95
CA ASP A 831 -34.64 28.82 22.81
C ASP A 831 -33.52 27.88 23.21
N SER A 832 -32.56 28.42 23.95
CA SER A 832 -31.39 27.68 24.43
C SER A 832 -31.21 27.88 25.94
N ALA A 833 -29.99 27.63 26.43
CA ALA A 833 -29.62 27.94 27.79
C ALA A 833 -29.96 29.40 28.10
N ASN A 834 -29.18 30.32 27.53
CA ASN A 834 -29.45 31.76 27.69
C ASN A 834 -29.60 32.45 26.34
N ASN A 835 -30.77 32.22 25.72
CA ASN A 835 -31.34 33.13 24.75
C ASN A 835 -32.62 33.67 25.36
N LYS A 836 -33.72 32.94 25.14
CA LYS A 836 -35.05 33.36 25.60
C LYS A 836 -35.51 34.68 24.96
N LYS A 837 -34.99 34.97 23.77
CA LYS A 837 -35.39 36.10 22.96
C LYS A 837 -36.09 35.54 21.72
N PHE A 838 -36.81 36.40 21.00
CA PHE A 838 -37.40 36.01 19.73
C PHE A 838 -36.39 36.20 18.60
N HIS A 839 -36.45 35.34 17.60
CA HIS A 839 -35.46 35.30 16.53
C HIS A 839 -36.08 35.71 15.19
N THR A 840 -35.24 35.98 14.20
CA THR A 840 -35.70 36.34 12.88
C THR A 840 -34.94 35.54 11.82
N LEU A 841 -35.69 34.92 10.91
CA LEU A 841 -35.11 34.24 9.75
C LEU A 841 -35.22 35.19 8.56
N THR A 842 -34.07 35.56 8.01
CA THR A 842 -34.00 36.46 6.86
C THR A 842 -33.43 35.70 5.67
N VAL A 843 -34.13 35.76 4.54
CA VAL A 843 -33.76 34.99 3.36
C VAL A 843 -34.06 35.84 2.11
N ASP A 844 -33.21 35.75 1.08
CA ASP A 844 -33.54 36.39 -0.19
C ASP A 844 -34.64 35.61 -0.90
N GLU A 845 -34.46 34.29 -1.03
CA GLU A 845 -35.41 33.45 -1.74
C GLU A 845 -35.79 32.25 -0.88
N LEU A 846 -37.08 32.05 -0.69
CA LEU A 846 -37.57 30.89 0.05
C LEU A 846 -38.50 30.13 -0.88
N ALA A 847 -38.15 28.88 -1.17
CA ALA A 847 -39.04 27.94 -1.85
C ALA A 847 -39.41 26.91 -0.80
N THR A 848 -40.67 26.88 -0.42
CA THR A 848 -41.09 26.02 0.69
C THR A 848 -42.37 25.30 0.31
N SER A 849 -42.40 24.00 0.54
CA SER A 849 -43.60 23.19 0.28
C SER A 849 -43.73 22.09 1.31
N ASN A 850 -44.98 21.75 1.65
CA ASN A 850 -45.28 20.63 2.56
C ASN A 850 -44.50 20.70 3.88
N SER A 851 -44.30 21.92 4.38
CA SER A 851 -43.48 22.16 5.55
C SER A 851 -44.24 23.00 6.57
N ALA A 852 -43.66 23.12 7.77
CA ALA A 852 -44.24 23.89 8.86
C ALA A 852 -43.23 24.88 9.42
N TYR A 853 -43.73 26.06 9.77
CA TYR A 853 -42.95 27.07 10.45
C TYR A 853 -43.69 27.36 11.74
N ALA A 854 -42.99 27.20 12.86
CA ALA A 854 -43.59 27.29 14.19
C ALA A 854 -42.98 28.45 14.94
N MET A 855 -43.72 29.57 15.00
CA MET A 855 -43.28 30.80 15.68
C MET A 855 -43.84 30.91 17.09
N ARG A 856 -43.05 31.49 17.98
CA ARG A 856 -43.48 31.73 19.36
C ARG A 856 -43.93 33.19 19.52
N THR A 857 -44.82 33.45 20.48
CA THR A 857 -45.24 34.81 20.78
C THR A 857 -45.67 34.96 22.24
N ASN A 858 -45.44 36.15 22.77
CA ASN A 858 -45.91 36.54 24.11
C ASN A 858 -47.06 37.55 24.01
N LEU A 859 -47.66 37.61 22.83
CA LEU A 859 -48.85 38.43 22.54
C LEU A 859 -48.53 39.89 22.19
N SER A 860 -47.26 40.19 21.90
CA SER A 860 -46.86 41.51 21.38
C SER A 860 -45.66 41.42 20.43
N GLU A 861 -44.61 40.70 20.82
CA GLU A 861 -43.55 40.32 19.89
C GLU A 861 -43.64 38.84 19.49
N SER A 862 -42.85 38.46 18.51
CA SER A 862 -42.81 37.08 18.04
C SER A 862 -41.56 36.77 17.23
N ASP A 863 -41.36 35.48 16.98
CA ASP A 863 -40.40 35.06 15.99
C ASP A 863 -40.95 35.53 14.65
N LYS A 864 -40.06 35.73 13.68
CA LYS A 864 -40.46 36.34 12.40
C LYS A 864 -39.69 35.75 11.23
N LEU A 865 -40.38 35.65 10.09
CA LEU A 865 -39.76 35.21 8.84
C LEU A 865 -39.80 36.36 7.86
N GLU A 866 -38.65 36.67 7.25
CA GLU A 866 -38.53 37.77 6.32
C GLU A 866 -37.94 37.25 5.02
N VAL A 867 -38.71 37.33 3.94
CA VAL A 867 -38.24 36.90 2.62
C VAL A 867 -38.13 38.15 1.77
N LYS A 868 -36.91 38.48 1.35
CA LYS A 868 -36.64 39.78 0.74
C LYS A 868 -36.95 39.89 -0.76
N LYS A 869 -36.90 38.77 -1.49
CA LYS A 869 -36.95 38.83 -2.97
C LYS A 869 -37.90 37.85 -3.69
N HIS A 870 -38.10 36.65 -3.16
CA HIS A 870 -38.95 35.66 -3.85
C HIS A 870 -39.42 34.56 -2.89
N LEU A 871 -40.73 34.39 -2.80
CA LEU A 871 -41.32 33.35 -1.94
C LEU A 871 -42.29 32.52 -2.76
N SER A 872 -41.92 31.27 -3.01
CA SER A 872 -42.73 30.35 -3.81
C SER A 872 -42.98 29.07 -3.04
N GLY A 873 -43.88 28.25 -3.58
CA GLY A 873 -44.19 26.92 -3.01
C GLY A 873 -45.61 26.81 -2.49
N GLU A 874 -46.12 25.58 -2.43
CA GLU A 874 -47.49 25.31 -1.98
C GLU A 874 -47.54 24.45 -0.71
N ASN A 875 -48.58 24.67 0.10
CA ASN A 875 -48.98 23.77 1.18
C ASN A 875 -48.09 23.80 2.42
N ASN A 876 -48.05 24.96 3.07
CA ASN A 876 -47.28 25.14 4.31
C ASN A 876 -48.17 25.71 5.44
N ILE A 877 -47.99 25.20 6.65
CA ILE A 877 -48.73 25.72 7.80
C ILE A 877 -47.88 26.60 8.71
N LEU A 878 -48.50 27.62 9.30
CA LEU A 878 -47.89 28.40 10.37
C LEU A 878 -48.45 27.93 11.70
N LEU A 879 -47.58 27.43 12.56
CA LEU A 879 -47.95 27.05 13.93
C LEU A 879 -47.54 28.20 14.81
N VAL A 880 -48.33 28.48 15.83
CA VAL A 880 -47.98 29.52 16.81
C VAL A 880 -47.99 28.94 18.23
N ASP A 881 -46.83 28.97 18.88
CA ASP A 881 -46.72 28.65 20.29
C ASP A 881 -47.11 29.90 21.06
N PHE A 882 -48.28 29.91 21.67
CA PHE A 882 -48.72 31.03 22.50
C PHE A 882 -48.11 30.91 23.89
N LEU A 883 -47.04 31.67 24.14
CA LEU A 883 -46.35 31.63 25.42
C LEU A 883 -47.18 32.29 26.54
N GLN A 884 -48.15 33.13 26.17
CA GLN A 884 -49.11 33.65 27.13
C GLN A 884 -50.50 33.41 26.58
N LYS A 885 -51.43 33.10 27.49
CA LYS A 885 -52.79 32.77 27.11
C LYS A 885 -53.50 34.02 26.63
N PRO A 886 -53.92 34.05 25.36
CA PRO A 886 -54.60 35.25 24.87
C PRO A 886 -55.99 35.38 25.49
N THR A 887 -56.52 36.60 25.50
CA THR A 887 -57.87 36.85 25.97
C THR A 887 -58.66 37.53 24.85
N PRO A 888 -60.00 37.50 24.92
CA PRO A 888 -60.80 38.10 23.85
C PRO A 888 -60.79 39.63 23.80
N GLU A 889 -60.15 40.27 24.78
CA GLU A 889 -60.15 41.73 24.86
C GLU A 889 -59.16 42.33 23.87
N LYS A 890 -57.90 41.92 23.97
CA LYS A 890 -56.83 42.56 23.22
C LYS A 890 -56.96 42.35 21.71
N GLN A 891 -56.74 43.41 20.93
CA GLN A 891 -56.57 43.28 19.49
C GLN A 891 -55.16 42.75 19.22
N LEU A 892 -55.08 41.54 18.67
CA LEU A 892 -53.83 40.94 18.22
C LEU A 892 -53.54 41.43 16.80
N ASN A 893 -52.27 41.73 16.55
CA ASN A 893 -51.80 42.08 15.21
C ASN A 893 -50.28 41.97 15.12
N ILE A 894 -49.79 40.73 15.08
CA ILE A 894 -48.36 40.46 15.13
C ILE A 894 -47.93 39.86 13.80
N GLU A 895 -47.04 40.56 13.10
CA GLU A 895 -46.49 40.12 11.82
C GLU A 895 -45.60 38.89 12.05
N LEU A 896 -45.98 37.78 11.43
CA LEU A 896 -45.22 36.52 11.51
C LEU A 896 -44.31 36.35 10.30
N VAL A 897 -44.85 36.64 9.11
CA VAL A 897 -44.09 36.47 7.86
C VAL A 897 -44.19 37.75 7.03
N SER A 898 -43.13 38.02 6.27
CA SER A 898 -43.08 39.16 5.38
C SER A 898 -42.43 38.74 4.06
N ALA A 899 -43.12 39.01 2.96
CA ALA A 899 -42.65 38.61 1.64
C ALA A 899 -42.98 39.68 0.61
N PRO A 900 -42.38 39.58 -0.59
CA PRO A 900 -42.67 40.55 -1.66
C PRO A 900 -44.11 40.47 -2.19
N LYS A 901 -44.56 41.57 -2.80
CA LYS A 901 -45.97 41.77 -3.14
C LYS A 901 -46.57 40.66 -3.98
N ASP A 902 -45.85 40.21 -5.00
CA ASP A 902 -46.38 39.25 -5.97
C ASP A 902 -46.53 37.82 -5.43
N THR A 903 -46.07 37.57 -4.20
CA THR A 903 -46.20 36.25 -3.59
C THR A 903 -47.67 35.86 -3.46
N ASN A 904 -47.96 34.57 -3.72
CA ASN A 904 -49.31 34.06 -3.52
C ASN A 904 -49.61 33.92 -2.04
N GLU A 905 -50.76 34.43 -1.62
CA GLU A 905 -51.16 34.42 -0.22
C GLU A 905 -51.32 33.01 0.37
N ASN A 906 -51.58 32.02 -0.48
CA ASN A 906 -51.79 30.66 0.01
C ASN A 906 -50.49 29.87 0.30
N VAL A 907 -49.33 30.49 0.14
CA VAL A 907 -48.06 29.81 0.42
C VAL A 907 -48.02 29.35 1.88
N PHE A 908 -48.55 30.18 2.78
CA PHE A 908 -48.73 29.79 4.17
C PHE A 908 -50.21 29.83 4.56
N LYS A 909 -50.60 28.91 5.44
CA LYS A 909 -51.93 28.91 6.07
C LYS A 909 -51.72 28.76 7.57
N ALA A 910 -52.73 29.13 8.34
CA ALA A 910 -52.71 28.92 9.79
C ALA A 910 -52.89 27.43 10.06
N SER A 911 -52.10 26.88 10.98
CA SER A 911 -52.33 25.52 11.46
C SER A 911 -53.59 25.44 12.31
N LYS A 912 -54.26 24.30 12.26
CA LYS A 912 -55.39 24.01 13.13
C LYS A 912 -54.97 23.09 14.29
N GLN A 913 -53.66 22.95 14.47
CA GLN A 913 -53.08 22.22 15.59
C GLN A 913 -52.43 23.18 16.57
N THR A 914 -52.32 22.74 17.82
CA THR A 914 -51.61 23.49 18.84
C THR A 914 -50.17 22.98 18.98
N ILE A 915 -49.27 23.89 19.31
CA ILE A 915 -47.90 23.53 19.70
C ILE A 915 -47.55 24.28 20.96
N GLY A 916 -46.71 23.66 21.79
CA GLY A 916 -46.35 24.23 23.09
C GLY A 916 -47.44 23.93 24.10
N PHE A 917 -47.40 24.64 25.23
CA PHE A 917 -48.30 24.37 26.36
C PHE A 917 -49.55 25.26 26.31
N SER A 918 -50.03 25.49 25.10
CA SER A 918 -51.16 26.36 24.83
C SER A 918 -52.30 25.51 24.32
N ASP A 919 -53.52 25.88 24.70
CA ASP A 919 -54.74 25.23 24.20
C ASP A 919 -55.35 26.05 23.06
N VAL A 920 -54.49 26.80 22.38
CA VAL A 920 -54.90 27.89 21.50
C VAL A 920 -54.32 27.72 20.08
N THR A 921 -55.17 27.95 19.08
CA THR A 921 -54.81 27.86 17.66
C THR A 921 -54.80 29.28 17.09
N PRO A 922 -53.88 29.56 16.14
CA PRO A 922 -53.80 30.91 15.60
C PRO A 922 -54.81 31.21 14.51
N VAL A 923 -55.21 32.48 14.40
CA VAL A 923 -55.93 33.01 13.24
C VAL A 923 -54.98 33.96 12.54
N ILE A 924 -54.67 33.70 11.28
CA ILE A 924 -53.72 34.49 10.50
C ILE A 924 -54.45 35.18 9.35
N THR A 925 -54.14 36.44 9.11
CA THR A 925 -54.70 37.17 7.96
C THR A 925 -53.62 37.75 7.06
N THR A 926 -53.97 37.86 5.78
CA THR A 926 -53.08 38.27 4.70
C THR A 926 -53.36 39.72 4.33
N ARG A 927 -52.31 40.52 4.15
CA ARG A 927 -52.45 41.93 3.78
C ARG A 927 -51.43 42.33 2.74
N GLU A 928 -51.81 43.28 1.89
CA GLU A 928 -50.89 43.87 0.93
C GLU A 928 -50.66 45.33 1.28
N THR A 929 -49.45 45.65 1.71
CA THR A 929 -49.00 47.03 1.61
C THR A 929 -48.67 47.19 0.11
N ASP A 930 -48.13 48.35 -0.27
CA ASP A 930 -47.81 48.60 -1.67
C ASP A 930 -46.56 47.83 -2.13
N ASP A 931 -45.74 47.36 -1.19
CA ASP A 931 -44.47 46.72 -1.54
C ASP A 931 -44.30 45.27 -1.02
N LYS A 932 -44.98 44.93 0.09
CA LYS A 932 -44.84 43.62 0.71
C LYS A 932 -46.21 43.05 1.09
N ILE A 933 -46.41 41.75 0.86
CA ILE A 933 -47.55 41.08 1.48
C ILE A 933 -47.06 40.43 2.76
N THR A 934 -47.93 40.39 3.77
CA THR A 934 -47.55 39.82 5.06
C THR A 934 -48.64 38.93 5.66
N TRP A 935 -48.19 38.00 6.50
CA TRP A 935 -49.07 37.17 7.32
C TRP A 935 -48.98 37.67 8.74
N SER A 936 -50.13 37.97 9.34
CA SER A 936 -50.13 38.49 10.69
C SER A 936 -51.02 37.62 11.58
N LEU A 937 -50.58 37.38 12.81
CA LEU A 937 -51.45 36.79 13.84
C LEU A 937 -52.46 37.83 14.28
N THR A 938 -53.71 37.68 13.84
CA THR A 938 -54.76 38.67 14.17
C THR A 938 -55.90 38.10 15.01
N GLY A 939 -55.74 36.88 15.51
CA GLY A 939 -56.73 36.26 16.37
C GLY A 939 -56.33 34.86 16.81
N TYR A 940 -57.23 34.23 17.58
CA TYR A 940 -57.00 32.88 18.06
C TYR A 940 -58.31 32.10 18.18
N ASN A 941 -58.17 30.78 18.30
CA ASN A 941 -59.26 29.85 18.50
C ASN A 941 -58.89 28.92 19.65
N THR A 942 -59.89 28.46 20.40
CA THR A 942 -59.66 27.57 21.54
C THR A 942 -60.09 26.14 21.24
N VAL A 943 -59.31 25.18 21.73
CA VAL A 943 -59.67 23.76 21.69
C VAL A 943 -59.92 23.27 23.13
N ALA A 944 -61.10 22.74 23.42
CA ALA A 944 -61.43 22.29 24.79
C ALA A 944 -60.51 21.15 25.26
N SER A 957 -41.94 12.80 24.70
CA SER A 957 -41.19 13.02 23.46
C SER A 957 -42.14 13.22 22.28
N VAL A 958 -42.15 14.44 21.74
CA VAL A 958 -43.10 14.80 20.70
C VAL A 958 -42.63 14.37 19.31
N ASP A 959 -43.56 13.79 18.55
CA ASP A 959 -43.33 13.42 17.16
C ASP A 959 -43.68 14.64 16.31
N TYR A 960 -42.67 15.45 16.02
CA TYR A 960 -42.88 16.68 15.26
C TYR A 960 -43.15 16.43 13.78
N LYS A 961 -42.65 15.31 13.25
CA LYS A 961 -42.94 14.96 11.86
C LYS A 961 -44.45 14.75 11.68
N ALA A 962 -45.12 14.30 12.73
CA ALA A 962 -46.56 14.07 12.71
C ALA A 962 -47.36 15.34 12.37
N PHE A 963 -46.87 16.51 12.79
CA PHE A 963 -47.50 17.80 12.45
C PHE A 963 -47.69 17.98 10.94
N LEU A 964 -46.75 17.48 10.14
CA LEU A 964 -46.79 17.67 8.69
C LEU A 964 -47.89 16.87 8.00
N ASN A 965 -48.59 16.02 8.74
CA ASN A 965 -49.75 15.34 8.19
C ASN A 965 -50.79 16.34 7.70
N GLU A 966 -50.94 17.43 8.45
CA GLU A 966 -51.87 18.50 8.06
C GLU A 966 -51.65 19.01 6.63
N VAL A 967 -50.42 18.92 6.12
CA VAL A 967 -50.12 19.35 4.75
C VAL A 967 -49.61 18.18 3.91
N ASN A 968 -50.20 17.00 4.16
CA ASN A 968 -49.80 15.73 3.54
C ASN A 968 -48.35 15.35 3.75
#